data_2ENA
#
_entry.id   2ENA
#
loop_
_entity.id
_entity.type
_entity.pdbx_description
1 polymer 'Zinc finger protein 224'
2 non-polymer 'ZINC ION'
#
_entity_poly.entity_id   1
_entity_poly.type   'polypeptide(L)'
_entity_poly.pdbx_seq_one_letter_code
;GSSGSSGTAEKPFRCDTCDKSFRQRSALNSHRMIHTGEKPSGPSSG
;
_entity_poly.pdbx_strand_id   A
#
# COMPACT_ATOMS: atom_id res chain seq x y z
N GLY A 1 -10.44 14.61 13.07
CA GLY A 1 -9.56 13.55 12.64
C GLY A 1 -10.29 12.49 11.82
N SER A 2 -11.50 12.14 12.24
CA SER A 2 -12.29 11.14 11.54
C SER A 2 -11.47 9.90 11.26
N SER A 3 -10.67 9.48 12.23
CA SER A 3 -9.82 8.31 12.09
C SER A 3 -10.64 7.03 12.24
N GLY A 4 -10.29 6.01 11.46
CA GLY A 4 -10.99 4.74 11.54
C GLY A 4 -10.08 3.55 11.35
N SER A 5 -9.33 3.20 12.39
CA SER A 5 -8.40 2.08 12.31
C SER A 5 -8.58 1.15 13.51
N SER A 6 -8.13 -0.08 13.37
CA SER A 6 -8.24 -1.07 14.44
C SER A 6 -7.35 -2.28 14.16
N GLY A 7 -6.81 -2.87 15.23
CA GLY A 7 -5.95 -4.03 15.08
C GLY A 7 -4.98 -3.89 13.92
N THR A 8 -4.69 -5.00 13.26
CA THR A 8 -3.76 -4.99 12.13
C THR A 8 -4.26 -5.89 11.01
N ALA A 9 -3.69 -5.71 9.82
CA ALA A 9 -4.09 -6.50 8.66
C ALA A 9 -3.68 -7.96 8.83
N GLU A 10 -4.68 -8.84 8.92
CA GLU A 10 -4.43 -10.26 9.09
C GLU A 10 -3.23 -10.71 8.25
N LYS A 11 -2.96 -9.97 7.17
CA LYS A 11 -1.85 -10.29 6.29
C LYS A 11 -0.59 -9.51 6.70
N PRO A 12 0.58 -10.08 6.40
CA PRO A 12 1.87 -9.46 6.72
C PRO A 12 2.14 -8.22 5.87
N PHE A 13 1.60 -8.21 4.65
CA PHE A 13 1.78 -7.10 3.74
C PHE A 13 0.60 -6.13 3.82
N ARG A 14 0.90 -4.84 3.73
CA ARG A 14 -0.14 -3.81 3.79
C ARG A 14 0.30 -2.54 3.07
N CYS A 15 -0.62 -1.95 2.32
CA CYS A 15 -0.32 -0.72 1.58
C CYS A 15 -0.62 0.52 2.42
N ASP A 16 0.43 1.26 2.75
CA ASP A 16 0.28 2.47 3.55
C ASP A 16 -0.15 3.64 2.69
N THR A 17 -1.06 3.39 1.76
CA THR A 17 -1.57 4.42 0.86
C THR A 17 -3.09 4.41 0.78
N CYS A 18 -3.64 3.24 0.47
CA CYS A 18 -5.09 3.09 0.36
C CYS A 18 -5.61 2.13 1.43
N ASP A 19 -4.74 1.76 2.37
CA ASP A 19 -5.13 0.85 3.44
C ASP A 19 -5.50 -0.52 2.89
N LYS A 20 -4.61 -1.09 2.08
CA LYS A 20 -4.85 -2.41 1.49
C LYS A 20 -3.90 -3.44 2.06
N SER A 21 -4.07 -4.69 1.65
CA SER A 21 -3.22 -5.79 2.12
C SER A 21 -3.19 -6.92 1.11
N PHE A 22 -2.04 -7.60 1.03
CA PHE A 22 -1.87 -8.71 0.11
C PHE A 22 -1.24 -9.91 0.81
N ARG A 23 -1.34 -11.07 0.17
CA ARG A 23 -0.78 -12.29 0.73
C ARG A 23 0.64 -12.53 0.23
N GLN A 24 0.89 -12.18 -1.03
CA GLN A 24 2.21 -12.34 -1.63
C GLN A 24 2.93 -11.01 -1.73
N ARG A 25 4.21 -11.00 -1.33
CA ARG A 25 5.02 -9.79 -1.37
C ARG A 25 5.06 -9.22 -2.78
N SER A 26 5.05 -10.10 -3.78
CA SER A 26 5.09 -9.69 -5.17
C SER A 26 3.77 -9.04 -5.59
N ALA A 27 2.73 -9.29 -4.79
CA ALA A 27 1.41 -8.73 -5.07
C ALA A 27 1.29 -7.30 -4.55
N LEU A 28 1.91 -7.04 -3.40
CA LEU A 28 1.88 -5.72 -2.80
C LEU A 28 2.96 -4.82 -3.37
N ASN A 29 4.18 -5.35 -3.45
CA ASN A 29 5.30 -4.59 -3.99
C ASN A 29 4.95 -3.99 -5.35
N SER A 30 4.04 -4.64 -6.06
CA SER A 30 3.63 -4.17 -7.37
C SER A 30 2.45 -3.20 -7.27
N HIS A 31 1.54 -3.50 -6.36
CA HIS A 31 0.36 -2.66 -6.14
C HIS A 31 0.78 -1.26 -5.71
N ARG A 32 1.80 -1.18 -4.87
CA ARG A 32 2.29 0.11 -4.38
C ARG A 32 2.76 0.98 -5.54
N MET A 33 3.16 0.35 -6.64
CA MET A 33 3.63 1.07 -7.81
C MET A 33 2.51 1.94 -8.40
N ILE A 34 1.31 1.38 -8.47
CA ILE A 34 0.17 2.11 -9.01
C ILE A 34 -0.01 3.45 -8.31
N HIS A 35 0.45 3.53 -7.06
CA HIS A 35 0.35 4.76 -6.29
C HIS A 35 1.52 5.69 -6.58
N THR A 36 2.60 5.12 -7.09
CA THR A 36 3.80 5.91 -7.42
C THR A 36 3.68 6.51 -8.82
N GLY A 37 2.51 7.05 -9.13
CA GLY A 37 2.30 7.67 -10.44
C GLY A 37 1.48 8.92 -10.36
N GLU A 38 0.17 8.77 -10.13
CA GLU A 38 -0.73 9.90 -10.03
C GLU A 38 -0.25 10.91 -8.99
N LYS A 39 -0.97 12.01 -8.85
CA LYS A 39 -0.61 13.05 -7.90
C LYS A 39 -1.66 13.17 -6.81
N PRO A 40 -1.75 12.13 -5.95
CA PRO A 40 -2.71 12.08 -4.85
C PRO A 40 -2.36 13.08 -3.75
N SER A 41 -3.27 13.24 -2.79
CA SER A 41 -3.06 14.16 -1.68
C SER A 41 -2.14 13.55 -0.64
N GLY A 42 -0.84 13.62 -0.89
CA GLY A 42 0.13 13.05 0.05
C GLY A 42 1.40 12.60 -0.64
N PRO A 43 2.33 13.54 -0.87
CA PRO A 43 3.61 13.25 -1.52
C PRO A 43 4.53 12.41 -0.65
N SER A 44 5.34 11.56 -1.28
CA SER A 44 6.27 10.71 -0.55
C SER A 44 7.64 10.72 -1.22
N SER A 45 8.56 9.92 -0.67
CA SER A 45 9.91 9.83 -1.20
C SER A 45 10.60 11.19 -1.15
N GLY A 46 10.45 11.88 -0.02
CA GLY A 46 11.07 13.19 0.14
C GLY A 46 11.44 13.47 1.58
N GLY A 1 1.13 8.90 12.22
CA GLY A 1 0.72 7.55 12.55
C GLY A 1 -0.77 7.43 12.78
N SER A 2 -1.19 7.61 14.03
CA SER A 2 -2.60 7.52 14.38
C SER A 2 -3.30 6.45 13.55
N SER A 3 -2.63 5.32 13.38
CA SER A 3 -3.18 4.20 12.60
C SER A 3 -3.40 2.98 13.48
N GLY A 4 -4.57 2.91 14.11
CA GLY A 4 -4.89 1.78 14.97
C GLY A 4 -5.14 0.50 14.20
N SER A 5 -5.27 -0.61 14.91
CA SER A 5 -5.51 -1.90 14.28
C SER A 5 -4.68 -2.04 13.00
N SER A 6 -3.43 -1.60 13.06
CA SER A 6 -2.54 -1.67 11.91
C SER A 6 -1.54 -2.82 12.06
N GLY A 7 -0.97 -2.94 13.26
CA GLY A 7 0.00 -3.99 13.53
C GLY A 7 -0.63 -5.37 13.45
N THR A 8 -1.93 -5.45 13.71
CA THR A 8 -2.64 -6.72 13.67
C THR A 8 -3.25 -6.98 12.30
N ALA A 9 -2.47 -6.72 11.26
CA ALA A 9 -2.94 -6.93 9.88
C ALA A 9 -3.00 -8.41 9.54
N GLU A 10 -4.21 -8.89 9.29
CA GLU A 10 -4.41 -10.30 8.95
C GLU A 10 -3.27 -10.82 8.08
N LYS A 11 -2.65 -9.91 7.33
CA LYS A 11 -1.55 -10.27 6.44
C LYS A 11 -0.30 -9.45 6.77
N PRO A 12 0.88 -10.02 6.48
CA PRO A 12 2.17 -9.37 6.73
C PRO A 12 2.40 -8.18 5.81
N PHE A 13 1.67 -8.15 4.69
CA PHE A 13 1.80 -7.07 3.72
C PHE A 13 0.61 -6.13 3.79
N ARG A 14 0.88 -4.83 3.72
CA ARG A 14 -0.16 -3.82 3.78
C ARG A 14 0.23 -2.57 3.01
N CYS A 15 -0.72 -1.98 2.29
CA CYS A 15 -0.47 -0.78 1.51
C CYS A 15 -0.77 0.47 2.32
N ASP A 16 0.28 1.19 2.70
CA ASP A 16 0.13 2.41 3.48
C ASP A 16 -0.25 3.58 2.58
N THR A 17 -1.18 3.34 1.66
CA THR A 17 -1.63 4.38 0.75
C THR A 17 -3.16 4.39 0.63
N CYS A 18 -3.73 3.23 0.39
CA CYS A 18 -5.18 3.10 0.27
C CYS A 18 -5.74 2.17 1.34
N ASP A 19 -4.92 1.83 2.31
CA ASP A 19 -5.33 0.95 3.39
C ASP A 19 -5.71 -0.43 2.85
N LYS A 20 -4.79 -1.05 2.12
CA LYS A 20 -5.03 -2.37 1.54
C LYS A 20 -4.05 -3.39 2.11
N SER A 21 -4.21 -4.65 1.70
CA SER A 21 -3.35 -5.72 2.18
C SER A 21 -3.30 -6.87 1.17
N PHE A 22 -2.15 -7.53 1.08
CA PHE A 22 -1.98 -8.64 0.15
C PHE A 22 -1.37 -9.84 0.86
N ARG A 23 -1.31 -10.97 0.17
CA ARG A 23 -0.75 -12.19 0.72
C ARG A 23 0.64 -12.47 0.13
N GLN A 24 0.81 -12.16 -1.14
CA GLN A 24 2.08 -12.38 -1.82
C GLN A 24 2.89 -11.09 -1.88
N ARG A 25 4.15 -11.17 -1.49
CA ARG A 25 5.03 -10.01 -1.50
C ARG A 25 5.06 -9.37 -2.88
N SER A 26 4.97 -10.19 -3.91
CA SER A 26 5.00 -9.71 -5.29
C SER A 26 3.66 -9.06 -5.66
N ALA A 27 2.65 -9.29 -4.82
CA ALA A 27 1.33 -8.71 -5.06
C ALA A 27 1.24 -7.29 -4.51
N LEU A 28 1.89 -7.06 -3.38
CA LEU A 28 1.87 -5.74 -2.75
C LEU A 28 2.97 -4.85 -3.33
N ASN A 29 4.18 -5.39 -3.41
CA ASN A 29 5.31 -4.65 -3.96
C ASN A 29 4.96 -4.03 -5.30
N SER A 30 4.04 -4.66 -6.02
CA SER A 30 3.61 -4.17 -7.33
C SER A 30 2.47 -3.17 -7.19
N HIS A 31 1.55 -3.47 -6.28
CA HIS A 31 0.41 -2.59 -6.04
C HIS A 31 0.86 -1.20 -5.61
N ARG A 32 1.86 -1.16 -4.73
CA ARG A 32 2.38 0.11 -4.24
C ARG A 32 2.90 0.98 -5.39
N MET A 33 3.24 0.33 -6.50
CA MET A 33 3.75 1.03 -7.67
C MET A 33 2.67 1.92 -8.28
N ILE A 34 1.46 1.37 -8.41
CA ILE A 34 0.35 2.12 -8.98
C ILE A 34 0.18 3.48 -8.30
N HIS A 35 0.60 3.56 -7.04
CA HIS A 35 0.51 4.79 -6.28
C HIS A 35 1.70 5.70 -6.58
N THR A 36 2.90 5.15 -6.49
CA THR A 36 4.12 5.91 -6.74
C THR A 36 3.93 6.86 -7.93
N GLY A 37 3.32 6.35 -9.00
CA GLY A 37 3.10 7.16 -10.17
C GLY A 37 3.22 6.37 -11.46
N GLU A 38 3.80 6.99 -12.49
CA GLU A 38 3.97 6.33 -13.78
C GLU A 38 5.45 5.99 -14.02
N LYS A 39 6.10 5.49 -12.98
CA LYS A 39 7.51 5.12 -13.08
C LYS A 39 7.71 3.64 -12.74
N PRO A 40 7.45 2.77 -13.72
CA PRO A 40 7.60 1.32 -13.54
C PRO A 40 9.06 0.90 -13.42
N SER A 41 9.45 0.48 -12.22
CA SER A 41 10.82 0.05 -11.97
C SER A 41 10.85 -1.33 -11.32
N GLY A 42 10.84 -2.37 -12.15
CA GLY A 42 10.87 -3.73 -11.64
C GLY A 42 11.24 -4.74 -12.71
N PRO A 43 11.16 -6.03 -12.36
CA PRO A 43 11.48 -7.12 -13.27
C PRO A 43 10.45 -7.26 -14.39
N SER A 44 10.68 -6.53 -15.49
CA SER A 44 9.77 -6.57 -16.62
C SER A 44 10.49 -7.08 -17.87
N SER A 45 11.31 -8.11 -17.70
CA SER A 45 12.06 -8.69 -18.81
C SER A 45 11.17 -9.59 -19.65
N GLY A 46 10.38 -10.44 -18.99
CA GLY A 46 9.49 -11.34 -19.69
C GLY A 46 8.37 -11.84 -18.82
N GLY A 1 -14.33 5.08 15.88
CA GLY A 1 -13.57 3.85 16.09
C GLY A 1 -14.42 2.76 16.71
N SER A 2 -14.95 1.88 15.88
CA SER A 2 -15.78 0.78 16.35
C SER A 2 -14.94 -0.39 16.83
N SER A 3 -15.50 -1.21 17.70
CA SER A 3 -14.79 -2.37 18.25
C SER A 3 -14.58 -3.42 17.17
N GLY A 4 -13.54 -4.24 17.34
CA GLY A 4 -13.25 -5.28 16.37
C GLY A 4 -12.13 -4.90 15.42
N SER A 5 -12.14 -3.63 15.00
CA SER A 5 -11.12 -3.14 14.08
C SER A 5 -10.02 -2.38 14.82
N SER A 6 -8.96 -3.09 15.17
CA SER A 6 -7.84 -2.49 15.89
C SER A 6 -6.65 -3.45 15.95
N GLY A 7 -5.48 -2.95 15.57
CA GLY A 7 -4.28 -3.77 15.59
C GLY A 7 -3.56 -3.77 14.25
N THR A 8 -3.60 -4.91 13.56
CA THR A 8 -2.93 -5.03 12.27
C THR A 8 -3.77 -5.87 11.30
N ALA A 9 -3.38 -5.87 10.03
CA ALA A 9 -4.09 -6.62 9.01
C ALA A 9 -3.78 -8.12 9.12
N GLU A 10 -4.77 -8.94 8.81
CA GLU A 10 -4.60 -10.39 8.88
C GLU A 10 -3.40 -10.84 8.07
N LYS A 11 -2.95 -9.98 7.16
CA LYS A 11 -1.79 -10.29 6.32
C LYS A 11 -0.59 -9.44 6.71
N PRO A 12 0.61 -9.97 6.47
CA PRO A 12 1.86 -9.28 6.80
C PRO A 12 2.12 -8.09 5.89
N PHE A 13 1.59 -8.15 4.67
CA PHE A 13 1.75 -7.08 3.70
C PHE A 13 0.58 -6.12 3.74
N ARG A 14 0.86 -4.82 3.74
CA ARG A 14 -0.17 -3.80 3.79
C ARG A 14 0.30 -2.52 3.12
N CYS A 15 -0.57 -1.91 2.31
CA CYS A 15 -0.24 -0.67 1.62
C CYS A 15 -0.56 0.54 2.49
N ASP A 16 0.47 1.30 2.82
CA ASP A 16 0.31 2.49 3.66
C ASP A 16 -0.13 3.69 2.80
N THR A 17 -0.98 3.43 1.83
CA THR A 17 -1.47 4.48 0.94
C THR A 17 -2.99 4.46 0.86
N CYS A 18 -3.54 3.31 0.49
CA CYS A 18 -4.99 3.15 0.37
C CYS A 18 -5.52 2.15 1.39
N ASP A 19 -4.68 1.78 2.35
CA ASP A 19 -5.06 0.83 3.38
C ASP A 19 -5.38 -0.53 2.77
N LYS A 20 -4.50 -1.01 1.90
CA LYS A 20 -4.70 -2.30 1.24
C LYS A 20 -3.81 -3.37 1.87
N SER A 21 -3.99 -4.61 1.45
CA SER A 21 -3.22 -5.72 1.97
C SER A 21 -3.16 -6.87 0.97
N PHE A 22 -2.07 -7.63 1.00
CA PHE A 22 -1.90 -8.76 0.10
C PHE A 22 -1.25 -9.94 0.82
N ARG A 23 -1.25 -11.09 0.16
CA ARG A 23 -0.68 -12.30 0.75
C ARG A 23 0.74 -12.54 0.22
N GLN A 24 0.95 -12.19 -1.05
CA GLN A 24 2.25 -12.37 -1.68
C GLN A 24 2.98 -11.04 -1.80
N ARG A 25 4.23 -11.01 -1.34
CA ARG A 25 5.03 -9.79 -1.40
C ARG A 25 5.06 -9.22 -2.81
N SER A 26 5.04 -10.10 -3.80
CA SER A 26 5.06 -9.68 -5.20
C SER A 26 3.74 -9.02 -5.58
N ALA A 27 2.69 -9.30 -4.81
CA ALA A 27 1.38 -8.72 -5.07
C ALA A 27 1.28 -7.30 -4.51
N LEU A 28 1.94 -7.08 -3.38
CA LEU A 28 1.92 -5.77 -2.74
C LEU A 28 2.99 -4.86 -3.33
N ASN A 29 4.21 -5.38 -3.43
CA ASN A 29 5.33 -4.62 -3.98
C ASN A 29 4.96 -4.00 -5.31
N SER A 30 4.04 -4.63 -6.02
CA SER A 30 3.59 -4.15 -7.32
C SER A 30 2.38 -3.24 -7.17
N HIS A 31 1.52 -3.54 -6.21
CA HIS A 31 0.33 -2.76 -5.96
C HIS A 31 0.68 -1.34 -5.54
N ARG A 32 1.75 -1.20 -4.75
CA ARG A 32 2.19 0.10 -4.27
C ARG A 32 2.64 0.97 -5.43
N MET A 33 3.06 0.33 -6.52
CA MET A 33 3.52 1.06 -7.70
C MET A 33 2.39 1.88 -8.31
N ILE A 34 1.21 1.28 -8.40
CA ILE A 34 0.04 1.95 -8.95
C ILE A 34 -0.15 3.34 -8.32
N HIS A 35 0.36 3.49 -7.11
CA HIS A 35 0.25 4.76 -6.39
C HIS A 35 1.40 5.69 -6.75
N THR A 36 2.07 5.40 -7.86
CA THR A 36 3.19 6.21 -8.33
C THR A 36 3.26 6.24 -9.85
N GLY A 37 3.80 7.33 -10.40
CA GLY A 37 3.92 7.46 -11.83
C GLY A 37 3.35 8.76 -12.35
N GLU A 38 2.59 8.69 -13.43
CA GLU A 38 1.98 9.86 -14.03
C GLU A 38 0.64 10.18 -13.37
N LYS A 39 0.05 11.30 -13.76
CA LYS A 39 -1.24 11.71 -13.21
C LYS A 39 -2.23 12.04 -14.32
N PRO A 40 -3.51 11.70 -14.10
CA PRO A 40 -4.58 11.95 -15.07
C PRO A 40 -4.89 13.43 -15.22
N SER A 41 -4.16 14.26 -14.48
CA SER A 41 -4.36 15.71 -14.54
C SER A 41 -3.19 16.40 -15.23
N GLY A 42 -3.47 17.52 -15.89
CA GLY A 42 -2.43 18.26 -16.58
C GLY A 42 -2.59 18.19 -18.09
N PRO A 43 -1.83 19.04 -18.80
CA PRO A 43 -1.86 19.10 -20.27
C PRO A 43 -1.24 17.86 -20.90
N SER A 44 -2.11 16.95 -21.36
CA SER A 44 -1.65 15.72 -22.00
C SER A 44 -2.74 15.13 -22.88
N SER A 45 -2.34 14.32 -23.85
CA SER A 45 -3.28 13.68 -24.77
C SER A 45 -4.06 12.58 -24.06
N GLY A 46 -5.31 12.39 -24.48
CA GLY A 46 -6.14 11.36 -23.89
C GLY A 46 -6.55 10.29 -24.88
N GLY A 1 7.89 10.86 7.63
CA GLY A 1 6.94 11.79 8.22
C GLY A 1 5.50 11.31 8.09
N SER A 2 5.08 10.46 9.02
CA SER A 2 3.72 9.93 9.00
C SER A 2 3.38 9.25 10.32
N SER A 3 2.13 8.84 10.47
CA SER A 3 1.68 8.18 11.69
C SER A 3 1.26 6.74 11.41
N GLY A 4 1.08 5.97 12.47
CA GLY A 4 0.68 4.58 12.31
C GLY A 4 -0.82 4.39 12.44
N SER A 5 -1.34 3.35 11.79
CA SER A 5 -2.77 3.07 11.83
C SER A 5 -3.09 2.03 12.89
N SER A 6 -4.23 2.19 13.56
CA SER A 6 -4.64 1.27 14.60
C SER A 6 -5.10 -0.06 13.99
N GLY A 7 -4.77 -1.16 14.67
CA GLY A 7 -5.15 -2.47 14.18
C GLY A 7 -4.06 -3.13 13.36
N THR A 8 -4.27 -4.39 13.01
CA THR A 8 -3.30 -5.13 12.22
C THR A 8 -3.99 -6.05 11.22
N ALA A 9 -3.69 -5.84 9.93
CA ALA A 9 -4.27 -6.65 8.87
C ALA A 9 -3.95 -8.13 9.06
N GLU A 10 -4.87 -8.99 8.66
CA GLU A 10 -4.68 -10.43 8.79
C GLU A 10 -3.44 -10.88 8.02
N LYS A 11 -3.02 -10.06 7.06
CA LYS A 11 -1.84 -10.37 6.25
C LYS A 11 -0.64 -9.54 6.70
N PRO A 12 0.56 -10.09 6.47
CA PRO A 12 1.81 -9.40 6.84
C PRO A 12 2.09 -8.18 5.96
N PHE A 13 1.60 -8.23 4.73
CA PHE A 13 1.79 -7.12 3.80
C PHE A 13 0.61 -6.16 3.84
N ARG A 14 0.92 -4.86 3.81
CA ARG A 14 -0.12 -3.83 3.85
C ARG A 14 0.33 -2.58 3.09
N CYS A 15 -0.59 -1.99 2.34
CA CYS A 15 -0.28 -0.79 1.58
C CYS A 15 -0.52 0.47 2.41
N ASP A 16 0.55 1.22 2.65
CA ASP A 16 0.46 2.44 3.45
C ASP A 16 -0.01 3.61 2.58
N THR A 17 -0.97 3.34 1.70
CA THR A 17 -1.51 4.37 0.82
C THR A 17 -3.03 4.34 0.80
N CYS A 18 -3.59 3.18 0.47
CA CYS A 18 -5.04 3.02 0.41
C CYS A 18 -5.52 2.04 1.48
N ASP A 19 -4.69 1.82 2.49
CA ASP A 19 -5.02 0.92 3.58
C ASP A 19 -5.43 -0.45 3.03
N LYS A 20 -4.58 -1.02 2.20
CA LYS A 20 -4.84 -2.34 1.61
C LYS A 20 -3.90 -3.39 2.18
N SER A 21 -4.10 -4.63 1.76
CA SER A 21 -3.26 -5.74 2.23
C SER A 21 -3.25 -6.88 1.22
N PHE A 22 -2.11 -7.55 1.11
CA PHE A 22 -1.97 -8.67 0.18
C PHE A 22 -1.38 -9.89 0.87
N ARG A 23 -1.25 -10.99 0.14
CA ARG A 23 -0.71 -12.23 0.68
C ARG A 23 0.73 -12.43 0.22
N GLN A 24 0.98 -12.15 -1.06
CA GLN A 24 2.32 -12.30 -1.62
C GLN A 24 3.01 -10.96 -1.76
N ARG A 25 4.25 -10.88 -1.28
CA ARG A 25 5.02 -9.64 -1.34
C ARG A 25 5.05 -9.10 -2.77
N SER A 26 5.08 -10.00 -3.75
CA SER A 26 5.10 -9.61 -5.14
C SER A 26 3.79 -8.95 -5.55
N ALA A 27 2.73 -9.24 -4.81
CA ALA A 27 1.42 -8.70 -5.09
C ALA A 27 1.29 -7.27 -4.55
N LEU A 28 1.90 -7.04 -3.39
CA LEU A 28 1.86 -5.72 -2.76
C LEU A 28 2.94 -4.81 -3.33
N ASN A 29 4.16 -5.32 -3.42
CA ASN A 29 5.28 -4.56 -3.94
C ASN A 29 4.95 -3.97 -5.32
N SER A 30 4.05 -4.64 -6.04
CA SER A 30 3.65 -4.20 -7.36
C SER A 30 2.46 -3.24 -7.27
N HIS A 31 1.55 -3.52 -6.34
CA HIS A 31 0.37 -2.68 -6.14
C HIS A 31 0.76 -1.27 -5.74
N ARG A 32 1.76 -1.16 -4.87
CA ARG A 32 2.23 0.13 -4.40
C ARG A 32 2.74 0.98 -5.56
N MET A 33 3.10 0.32 -6.66
CA MET A 33 3.61 1.01 -7.84
C MET A 33 2.51 1.86 -8.47
N ILE A 34 1.30 1.32 -8.53
CA ILE A 34 0.18 2.03 -9.12
C ILE A 34 -0.02 3.39 -8.46
N HIS A 35 0.32 3.49 -7.18
CA HIS A 35 0.19 4.74 -6.45
C HIS A 35 1.34 5.68 -6.77
N THR A 36 2.57 5.22 -6.54
CA THR A 36 3.75 6.04 -6.82
C THR A 36 3.55 6.89 -8.06
N GLY A 37 3.73 8.21 -7.89
CA GLY A 37 3.58 9.12 -9.00
C GLY A 37 4.49 8.79 -10.16
N GLU A 38 4.26 9.44 -11.30
CA GLU A 38 5.07 9.21 -12.49
C GLU A 38 6.35 10.04 -12.45
N LYS A 39 7.13 9.96 -13.53
CA LYS A 39 8.39 10.70 -13.61
C LYS A 39 9.37 10.24 -12.54
N PRO A 40 9.65 8.93 -12.51
CA PRO A 40 10.57 8.34 -11.54
C PRO A 40 12.02 8.73 -11.80
N SER A 41 12.93 8.19 -10.99
CA SER A 41 14.35 8.50 -11.14
C SER A 41 14.78 8.43 -12.60
N GLY A 42 15.92 9.03 -12.91
CA GLY A 42 16.42 9.02 -14.27
C GLY A 42 16.17 7.70 -14.97
N PRO A 43 16.88 6.65 -14.53
CA PRO A 43 16.75 5.31 -15.11
C PRO A 43 15.39 4.67 -14.79
N SER A 44 14.54 4.56 -15.80
CA SER A 44 13.22 3.98 -15.62
C SER A 44 13.31 2.62 -14.92
N SER A 45 12.20 2.16 -14.37
CA SER A 45 12.16 0.88 -13.67
C SER A 45 11.27 -0.11 -14.41
N GLY A 46 11.21 -1.34 -13.89
CA GLY A 46 10.40 -2.37 -14.52
C GLY A 46 9.47 -3.05 -13.54
N GLY A 1 -5.48 13.76 21.40
CA GLY A 1 -4.79 14.15 20.18
C GLY A 1 -3.88 13.06 19.65
N SER A 2 -4.49 11.97 19.15
CA SER A 2 -3.72 10.86 18.62
C SER A 2 -4.29 10.40 17.28
N SER A 3 -3.41 10.03 16.36
CA SER A 3 -3.83 9.58 15.04
C SER A 3 -4.62 8.29 15.14
N GLY A 4 -4.15 7.36 15.96
CA GLY A 4 -4.83 6.09 16.13
C GLY A 4 -3.89 4.91 16.06
N SER A 5 -4.28 3.80 16.67
CA SER A 5 -3.46 2.59 16.68
C SER A 5 -2.79 2.39 15.33
N SER A 6 -1.58 1.83 15.35
CA SER A 6 -0.83 1.59 14.13
C SER A 6 -1.68 0.86 13.09
N GLY A 7 -2.35 -0.21 13.54
CA GLY A 7 -3.19 -0.97 12.64
C GLY A 7 -2.78 -2.42 12.54
N THR A 8 -3.68 -3.27 12.07
CA THR A 8 -3.41 -4.70 11.93
C THR A 8 -4.12 -5.28 10.71
N ALA A 9 -3.50 -6.27 10.08
CA ALA A 9 -4.08 -6.91 8.91
C ALA A 9 -3.80 -8.41 8.92
N GLU A 10 -4.82 -9.20 8.58
CA GLU A 10 -4.68 -10.65 8.55
C GLU A 10 -3.38 -11.06 7.85
N LYS A 11 -2.86 -10.16 7.02
CA LYS A 11 -1.62 -10.43 6.29
C LYS A 11 -0.54 -9.45 6.69
N PRO A 12 0.73 -9.87 6.55
CA PRO A 12 1.88 -9.04 6.88
C PRO A 12 2.07 -7.88 5.92
N PHE A 13 1.68 -8.09 4.67
CA PHE A 13 1.79 -7.06 3.65
C PHE A 13 0.62 -6.08 3.72
N ARG A 14 0.94 -4.79 3.73
CA ARG A 14 -0.08 -3.75 3.81
C ARG A 14 0.35 -2.51 3.03
N CYS A 15 -0.59 -1.93 2.28
CA CYS A 15 -0.31 -0.74 1.49
C CYS A 15 -0.54 0.53 2.31
N ASP A 16 0.52 1.30 2.52
CA ASP A 16 0.44 2.54 3.28
C ASP A 16 -0.06 3.69 2.41
N THR A 17 -1.04 3.39 1.56
CA THR A 17 -1.60 4.39 0.66
C THR A 17 -3.12 4.35 0.67
N CYS A 18 -3.68 3.19 0.38
CA CYS A 18 -5.12 3.01 0.35
C CYS A 18 -5.58 2.07 1.47
N ASP A 19 -4.68 1.82 2.42
CA ASP A 19 -5.00 0.95 3.55
C ASP A 19 -5.41 -0.44 3.07
N LYS A 20 -4.60 -1.03 2.21
CA LYS A 20 -4.89 -2.36 1.66
C LYS A 20 -3.91 -3.38 2.21
N SER A 21 -4.11 -4.64 1.83
CA SER A 21 -3.24 -5.73 2.29
C SER A 21 -3.22 -6.86 1.27
N PHE A 22 -2.07 -7.53 1.17
CA PHE A 22 -1.91 -8.63 0.23
C PHE A 22 -1.27 -9.84 0.91
N ARG A 23 -1.31 -10.98 0.24
CA ARG A 23 -0.73 -12.21 0.77
C ARG A 23 0.64 -12.48 0.16
N GLN A 24 0.79 -12.13 -1.11
CA GLN A 24 2.05 -12.35 -1.83
C GLN A 24 2.89 -11.07 -1.85
N ARG A 25 4.14 -11.18 -1.44
CA ARG A 25 5.05 -10.04 -1.41
C ARG A 25 5.11 -9.37 -2.78
N SER A 26 5.00 -10.17 -3.83
CA SER A 26 5.06 -9.66 -5.19
C SER A 26 3.74 -9.02 -5.58
N ALA A 27 2.71 -9.26 -4.78
CA ALA A 27 1.39 -8.70 -5.04
C ALA A 27 1.27 -7.28 -4.48
N LEU A 28 1.93 -7.05 -3.35
CA LEU A 28 1.89 -5.74 -2.71
C LEU A 28 2.98 -4.83 -3.26
N ASN A 29 4.19 -5.35 -3.35
CA ASN A 29 5.32 -4.59 -3.87
C ASN A 29 4.99 -3.99 -5.23
N SER A 30 4.08 -4.64 -5.95
CA SER A 30 3.68 -4.17 -7.28
C SER A 30 2.50 -3.21 -7.17
N HIS A 31 1.58 -3.51 -6.26
CA HIS A 31 0.40 -2.67 -6.06
C HIS A 31 0.79 -1.26 -5.62
N ARG A 32 1.79 -1.18 -4.75
CA ARG A 32 2.26 0.10 -4.25
C ARG A 32 2.74 0.99 -5.41
N MET A 33 3.11 0.36 -6.51
CA MET A 33 3.58 1.08 -7.68
C MET A 33 2.47 1.93 -8.28
N ILE A 34 1.30 1.33 -8.45
CA ILE A 34 0.15 2.03 -9.02
C ILE A 34 -0.05 3.39 -8.35
N HIS A 35 0.38 3.49 -7.10
CA HIS A 35 0.25 4.73 -6.35
C HIS A 35 1.39 5.69 -6.67
N THR A 36 2.62 5.17 -6.64
CA THR A 36 3.80 5.97 -6.93
C THR A 36 3.59 6.83 -8.18
N GLY A 37 4.38 7.88 -8.31
CA GLY A 37 4.28 8.76 -9.46
C GLY A 37 4.44 8.02 -10.77
N GLU A 38 3.33 7.81 -11.48
CA GLU A 38 3.36 7.10 -12.75
C GLU A 38 4.11 7.92 -13.81
N LYS A 39 4.65 7.23 -14.80
CA LYS A 39 5.39 7.88 -15.87
C LYS A 39 4.72 9.19 -16.28
N PRO A 40 5.53 10.20 -16.63
CA PRO A 40 5.03 11.51 -17.04
C PRO A 40 4.34 11.46 -18.40
N SER A 41 3.36 12.34 -18.59
CA SER A 41 2.63 12.40 -19.84
C SER A 41 3.38 13.23 -20.89
N GLY A 42 3.51 12.67 -22.09
CA GLY A 42 4.22 13.36 -23.16
C GLY A 42 3.66 14.75 -23.41
N PRO A 43 2.40 14.82 -23.85
CA PRO A 43 1.73 16.10 -24.14
C PRO A 43 1.44 16.90 -22.87
N SER A 44 1.70 18.19 -22.93
CA SER A 44 1.47 19.07 -21.78
C SER A 44 -0.02 19.36 -21.61
N SER A 45 -0.71 18.46 -20.91
CA SER A 45 -2.14 18.62 -20.67
C SER A 45 -2.52 18.14 -19.27
N GLY A 46 -3.65 18.65 -18.77
CA GLY A 46 -4.09 18.27 -17.44
C GLY A 46 -4.40 19.47 -16.57
N GLY A 1 2.20 14.67 16.91
CA GLY A 1 2.61 13.33 16.53
C GLY A 1 1.77 12.25 17.19
N SER A 2 2.27 11.02 17.20
CA SER A 2 1.56 9.90 17.81
C SER A 2 2.48 8.70 17.96
N SER A 3 2.49 8.11 19.14
CA SER A 3 3.32 6.94 19.42
C SER A 3 2.59 5.65 19.05
N GLY A 4 3.32 4.54 19.10
CA GLY A 4 2.73 3.25 18.76
C GLY A 4 3.19 2.75 17.41
N SER A 5 2.63 3.31 16.34
CA SER A 5 2.99 2.90 14.99
C SER A 5 2.88 1.39 14.83
N SER A 6 1.83 0.81 15.41
CA SER A 6 1.61 -0.63 15.34
C SER A 6 0.57 -0.97 14.28
N GLY A 7 1.03 -1.55 13.18
CA GLY A 7 0.13 -1.91 12.10
C GLY A 7 -0.73 -3.11 12.45
N THR A 8 -1.89 -3.22 11.81
CA THR A 8 -2.80 -4.33 12.05
C THR A 8 -3.46 -4.81 10.76
N ALA A 9 -3.24 -6.08 10.43
CA ALA A 9 -3.80 -6.66 9.21
C ALA A 9 -3.69 -8.17 9.23
N GLU A 10 -4.70 -8.85 8.71
CA GLU A 10 -4.72 -10.31 8.67
C GLU A 10 -3.54 -10.83 7.86
N LYS A 11 -2.90 -9.95 7.11
CA LYS A 11 -1.76 -10.32 6.29
C LYS A 11 -0.52 -9.50 6.67
N PRO A 12 0.66 -10.09 6.44
CA PRO A 12 1.94 -9.43 6.76
C PRO A 12 2.23 -8.26 5.83
N PHE A 13 1.52 -8.21 4.70
CA PHE A 13 1.70 -7.14 3.73
C PHE A 13 0.54 -6.15 3.78
N ARG A 14 0.86 -4.87 3.75
CA ARG A 14 -0.15 -3.82 3.80
C ARG A 14 0.31 -2.57 3.06
N CYS A 15 -0.60 -1.96 2.29
CA CYS A 15 -0.28 -0.76 1.54
C CYS A 15 -0.52 0.49 2.37
N ASP A 16 0.55 1.25 2.61
CA ASP A 16 0.47 2.46 3.40
C ASP A 16 -0.01 3.63 2.54
N THR A 17 -0.97 3.36 1.66
CA THR A 17 -1.50 4.39 0.78
C THR A 17 -3.02 4.37 0.76
N CYS A 18 -3.60 3.21 0.45
CA CYS A 18 -5.04 3.05 0.40
C CYS A 18 -5.52 2.13 1.51
N ASP A 19 -4.61 1.78 2.42
CA ASP A 19 -4.94 0.90 3.54
C ASP A 19 -5.36 -0.48 3.05
N LYS A 20 -4.59 -1.02 2.10
CA LYS A 20 -4.88 -2.34 1.53
C LYS A 20 -3.93 -3.38 2.11
N SER A 21 -4.14 -4.63 1.72
CA SER A 21 -3.31 -5.73 2.19
C SER A 21 -3.29 -6.88 1.19
N PHE A 22 -2.16 -7.57 1.10
CA PHE A 22 -2.03 -8.70 0.18
C PHE A 22 -1.43 -9.91 0.89
N ARG A 23 -1.25 -11.00 0.15
CA ARG A 23 -0.68 -12.22 0.69
C ARG A 23 0.73 -12.46 0.16
N GLN A 24 0.92 -12.15 -1.12
CA GLN A 24 2.22 -12.34 -1.76
C GLN A 24 2.99 -11.03 -1.82
N ARG A 25 4.24 -11.06 -1.38
CA ARG A 25 5.09 -9.87 -1.39
C ARG A 25 5.12 -9.23 -2.77
N SER A 26 5.07 -10.06 -3.81
CA SER A 26 5.09 -9.58 -5.18
C SER A 26 3.77 -8.94 -5.56
N ALA A 27 2.74 -9.21 -4.76
CA ALA A 27 1.41 -8.66 -5.01
C ALA A 27 1.29 -7.25 -4.45
N LEU A 28 1.93 -7.01 -3.30
CA LEU A 28 1.88 -5.71 -2.66
C LEU A 28 2.98 -4.79 -3.20
N ASN A 29 4.20 -5.33 -3.28
CA ASN A 29 5.34 -4.57 -3.78
C ASN A 29 5.03 -3.96 -5.15
N SER A 30 4.12 -4.61 -5.88
CA SER A 30 3.73 -4.14 -7.21
C SER A 30 2.52 -3.21 -7.13
N HIS A 31 1.59 -3.54 -6.24
CA HIS A 31 0.38 -2.73 -6.06
C HIS A 31 0.75 -1.31 -5.65
N ARG A 32 1.79 -1.18 -4.84
CA ARG A 32 2.24 0.13 -4.38
C ARG A 32 2.67 1.01 -5.54
N MET A 33 3.11 0.38 -6.63
CA MET A 33 3.54 1.10 -7.81
C MET A 33 2.39 1.92 -8.40
N ILE A 34 1.23 1.30 -8.51
CA ILE A 34 0.06 1.96 -9.06
C ILE A 34 -0.16 3.33 -8.41
N HIS A 35 0.30 3.45 -7.16
CA HIS A 35 0.17 4.71 -6.42
C HIS A 35 1.31 5.65 -6.74
N THR A 36 1.65 5.77 -8.02
CA THR A 36 2.73 6.64 -8.45
C THR A 36 2.33 7.45 -9.68
N GLY A 37 3.08 8.52 -9.95
CA GLY A 37 2.78 9.36 -11.10
C GLY A 37 4.00 10.11 -11.59
N GLU A 38 4.66 10.82 -10.69
CA GLU A 38 5.86 11.59 -11.04
C GLU A 38 6.66 10.87 -12.13
N LYS A 39 7.24 11.65 -13.03
CA LYS A 39 8.05 11.09 -14.12
C LYS A 39 9.53 11.30 -13.86
N PRO A 40 10.32 10.23 -14.01
CA PRO A 40 11.77 10.27 -13.80
C PRO A 40 12.49 11.07 -14.89
N SER A 41 11.73 11.51 -15.89
CA SER A 41 12.29 12.29 -16.99
C SER A 41 13.46 11.54 -17.63
N GLY A 42 13.31 10.22 -17.77
CA GLY A 42 14.35 9.42 -18.37
C GLY A 42 14.07 9.09 -19.82
N PRO A 43 14.68 7.99 -20.31
CA PRO A 43 14.50 7.55 -21.70
C PRO A 43 13.10 7.01 -21.95
N SER A 44 12.62 7.18 -23.19
CA SER A 44 11.29 6.70 -23.56
C SER A 44 11.38 5.68 -24.69
N SER A 45 12.33 4.76 -24.56
CA SER A 45 12.52 3.72 -25.57
C SER A 45 11.27 2.85 -25.70
N GLY A 46 10.70 2.46 -24.56
CA GLY A 46 9.51 1.63 -24.57
C GLY A 46 9.49 0.65 -25.73
N GLY A 1 -0.92 12.33 26.61
CA GLY A 1 -1.54 11.17 27.23
C GLY A 1 -1.45 9.94 26.35
N SER A 2 -1.62 8.78 26.97
CA SER A 2 -1.56 7.51 26.25
C SER A 2 -2.70 7.40 25.25
N SER A 3 -2.48 6.64 24.18
CA SER A 3 -3.50 6.44 23.15
C SER A 3 -3.81 4.96 22.95
N GLY A 4 -5.08 4.60 23.09
CA GLY A 4 -5.49 3.22 22.94
C GLY A 4 -6.19 2.98 21.62
N SER A 5 -6.14 1.74 21.14
CA SER A 5 -6.78 1.37 19.88
C SER A 5 -6.69 -0.13 19.64
N SER A 6 -7.30 -0.59 18.55
CA SER A 6 -7.30 -2.00 18.21
C SER A 6 -7.60 -2.20 16.72
N GLY A 7 -6.62 -2.73 16.00
CA GLY A 7 -6.80 -2.97 14.57
C GLY A 7 -5.53 -3.45 13.90
N THR A 8 -5.68 -4.38 12.97
CA THR A 8 -4.53 -4.94 12.25
C THR A 8 -4.99 -5.88 11.15
N ALA A 9 -4.26 -5.87 10.03
CA ALA A 9 -4.58 -6.72 8.90
C ALA A 9 -4.21 -8.18 9.18
N GLU A 10 -4.95 -9.10 8.58
CA GLU A 10 -4.70 -10.53 8.77
C GLU A 10 -3.49 -10.98 7.96
N LYS A 11 -2.98 -10.08 7.12
CA LYS A 11 -1.82 -10.39 6.28
C LYS A 11 -0.62 -9.55 6.71
N PRO A 12 0.58 -10.09 6.48
CA PRO A 12 1.84 -9.42 6.83
C PRO A 12 2.11 -8.21 5.94
N PHE A 13 1.58 -8.24 4.73
CA PHE A 13 1.77 -7.15 3.77
C PHE A 13 0.60 -6.17 3.85
N ARG A 14 0.93 -4.88 3.80
CA ARG A 14 -0.10 -3.83 3.86
C ARG A 14 0.35 -2.60 3.09
N CYS A 15 -0.57 -2.03 2.31
CA CYS A 15 -0.26 -0.85 1.52
C CYS A 15 -0.49 0.43 2.34
N ASP A 16 0.59 1.15 2.61
CA ASP A 16 0.51 2.38 3.38
C ASP A 16 0.07 3.55 2.50
N THR A 17 -0.91 3.29 1.63
CA THR A 17 -1.42 4.32 0.74
C THR A 17 -2.94 4.31 0.71
N CYS A 18 -3.52 3.15 0.44
CA CYS A 18 -4.97 3.01 0.40
C CYS A 18 -5.47 2.08 1.49
N ASP A 19 -4.61 1.81 2.47
CA ASP A 19 -4.97 0.92 3.57
C ASP A 19 -5.38 -0.45 3.06
N LYS A 20 -4.55 -1.04 2.21
CA LYS A 20 -4.84 -2.35 1.64
C LYS A 20 -3.88 -3.40 2.19
N SER A 21 -4.09 -4.65 1.79
CA SER A 21 -3.24 -5.74 2.24
C SER A 21 -3.23 -6.89 1.23
N PHE A 22 -2.10 -7.57 1.11
CA PHE A 22 -1.96 -8.68 0.18
C PHE A 22 -1.35 -9.89 0.87
N ARG A 23 -1.34 -11.03 0.17
CA ARG A 23 -0.79 -12.25 0.72
C ARG A 23 0.60 -12.52 0.16
N GLN A 24 0.84 -12.05 -1.07
CA GLN A 24 2.14 -12.25 -1.72
C GLN A 24 2.91 -10.93 -1.78
N ARG A 25 4.14 -10.96 -1.29
CA ARG A 25 5.00 -9.77 -1.29
C ARG A 25 5.06 -9.15 -2.68
N SER A 26 5.05 -10.00 -3.70
CA SER A 26 5.11 -9.54 -5.09
C SER A 26 3.81 -8.89 -5.51
N ALA A 27 2.74 -9.18 -4.77
CA ALA A 27 1.42 -8.62 -5.05
C ALA A 27 1.29 -7.22 -4.49
N LEU A 28 1.93 -6.98 -3.34
CA LEU A 28 1.87 -5.66 -2.70
C LEU A 28 2.97 -4.75 -3.24
N ASN A 29 4.20 -5.26 -3.29
CA ASN A 29 5.32 -4.49 -3.79
C ASN A 29 5.02 -3.90 -5.16
N SER A 30 4.14 -4.56 -5.90
CA SER A 30 3.77 -4.11 -7.24
C SER A 30 2.56 -3.18 -7.17
N HIS A 31 1.63 -3.49 -6.26
CA HIS A 31 0.43 -2.68 -6.09
C HIS A 31 0.78 -1.25 -5.68
N ARG A 32 1.84 -1.11 -4.89
CA ARG A 32 2.27 0.20 -4.43
C ARG A 32 2.72 1.07 -5.61
N MET A 33 3.09 0.42 -6.71
CA MET A 33 3.54 1.13 -7.90
C MET A 33 2.39 1.91 -8.52
N ILE A 34 1.22 1.30 -8.58
CA ILE A 34 0.04 1.94 -9.15
C ILE A 34 -0.19 3.32 -8.51
N HIS A 35 0.25 3.48 -7.27
CA HIS A 35 0.10 4.73 -6.56
C HIS A 35 1.17 5.73 -6.97
N THR A 36 2.28 5.23 -7.50
CA THR A 36 3.39 6.07 -7.94
C THR A 36 3.16 6.58 -9.35
N GLY A 37 1.94 7.03 -9.63
CA GLY A 37 1.63 7.55 -10.94
C GLY A 37 1.42 9.05 -10.95
N GLU A 38 2.52 9.79 -10.96
CA GLU A 38 2.45 11.25 -10.96
C GLU A 38 3.07 11.83 -12.23
N LYS A 39 2.88 11.13 -13.34
CA LYS A 39 3.43 11.57 -14.62
C LYS A 39 4.94 11.38 -14.66
N PRO A 40 5.39 10.14 -14.40
CA PRO A 40 6.82 9.80 -14.40
C PRO A 40 7.42 9.82 -15.80
N SER A 41 6.74 9.18 -16.74
CA SER A 41 7.21 9.12 -18.13
C SER A 41 6.08 8.72 -19.07
N GLY A 42 6.38 8.69 -20.36
CA GLY A 42 5.38 8.32 -21.35
C GLY A 42 5.89 7.29 -22.33
N PRO A 43 5.63 6.00 -22.04
CA PRO A 43 6.06 4.90 -22.89
C PRO A 43 5.30 4.86 -24.22
N SER A 44 4.47 5.87 -24.45
CA SER A 44 3.69 5.94 -25.68
C SER A 44 2.78 4.73 -25.82
N SER A 45 2.02 4.44 -24.76
CA SER A 45 1.11 3.31 -24.77
C SER A 45 -0.26 3.71 -25.29
N GLY A 46 -0.79 2.92 -26.22
CA GLY A 46 -2.11 3.21 -26.78
C GLY A 46 -3.18 3.32 -25.72
N GLY A 1 -16.79 7.67 19.55
CA GLY A 1 -16.36 6.68 18.58
C GLY A 1 -15.38 5.67 19.16
N SER A 2 -14.20 5.59 18.56
CA SER A 2 -13.18 4.65 19.02
C SER A 2 -11.78 5.25 18.87
N SER A 3 -11.05 5.31 19.98
CA SER A 3 -9.70 5.86 19.97
C SER A 3 -8.68 4.81 20.41
N GLY A 4 -8.17 4.06 19.44
CA GLY A 4 -7.19 3.03 19.75
C GLY A 4 -6.98 2.07 18.59
N SER A 5 -5.95 2.32 17.79
CA SER A 5 -5.64 1.48 16.65
C SER A 5 -4.94 0.19 17.09
N SER A 6 -5.74 -0.83 17.39
CA SER A 6 -5.20 -2.11 17.83
C SER A 6 -5.41 -3.19 16.76
N GLY A 7 -4.63 -4.26 16.85
CA GLY A 7 -4.75 -5.34 15.89
C GLY A 7 -3.83 -5.16 14.70
N THR A 8 -3.49 -6.26 14.04
CA THR A 8 -2.60 -6.21 12.88
C THR A 8 -3.29 -6.81 11.65
N ALA A 9 -2.95 -6.27 10.48
CA ALA A 9 -3.53 -6.75 9.22
C ALA A 9 -3.42 -8.27 9.11
N GLU A 10 -4.55 -8.92 8.89
CA GLU A 10 -4.58 -10.37 8.77
C GLU A 10 -3.38 -10.87 7.97
N LYS A 11 -2.83 -10.01 7.12
CA LYS A 11 -1.68 -10.35 6.30
C LYS A 11 -0.46 -9.53 6.69
N PRO A 12 0.74 -10.10 6.46
CA PRO A 12 1.99 -9.43 6.78
C PRO A 12 2.27 -8.24 5.87
N PHE A 13 1.59 -8.20 4.74
CA PHE A 13 1.76 -7.11 3.78
C PHE A 13 0.58 -6.14 3.84
N ARG A 14 0.88 -4.85 3.79
CA ARG A 14 -0.16 -3.82 3.84
C ARG A 14 0.28 -2.57 3.08
N CYS A 15 -0.64 -1.99 2.32
CA CYS A 15 -0.35 -0.79 1.55
C CYS A 15 -0.58 0.46 2.38
N ASP A 16 0.47 1.25 2.57
CA ASP A 16 0.39 2.48 3.34
C ASP A 16 -0.11 3.64 2.48
N THR A 17 -1.04 3.34 1.59
CA THR A 17 -1.60 4.36 0.69
C THR A 17 -3.12 4.33 0.71
N CYS A 18 -3.69 3.17 0.37
CA CYS A 18 -5.14 3.02 0.35
C CYS A 18 -5.59 2.02 1.41
N ASP A 19 -4.79 1.87 2.45
CA ASP A 19 -5.11 0.95 3.54
C ASP A 19 -5.52 -0.41 2.99
N LYS A 20 -4.64 -1.00 2.18
CA LYS A 20 -4.90 -2.31 1.59
C LYS A 20 -3.96 -3.36 2.16
N SER A 21 -4.16 -4.61 1.76
CA SER A 21 -3.32 -5.71 2.22
C SER A 21 -3.32 -6.86 1.22
N PHE A 22 -2.18 -7.54 1.11
CA PHE A 22 -2.04 -8.66 0.19
C PHE A 22 -1.46 -9.87 0.89
N ARG A 23 -1.28 -10.95 0.14
CA ARG A 23 -0.73 -12.19 0.70
C ARG A 23 0.69 -12.43 0.19
N GLN A 24 0.91 -12.16 -1.10
CA GLN A 24 2.22 -12.35 -1.70
C GLN A 24 2.96 -11.03 -1.81
N ARG A 25 4.21 -11.00 -1.35
CA ARG A 25 5.02 -9.79 -1.41
C ARG A 25 5.02 -9.20 -2.82
N SER A 26 5.05 -10.08 -3.82
CA SER A 26 5.07 -9.64 -5.21
C SER A 26 3.74 -9.00 -5.59
N ALA A 27 2.70 -9.29 -4.82
CA ALA A 27 1.37 -8.74 -5.07
C ALA A 27 1.25 -7.32 -4.52
N LEU A 28 1.91 -7.08 -3.38
CA LEU A 28 1.87 -5.77 -2.74
C LEU A 28 2.96 -4.86 -3.31
N ASN A 29 4.18 -5.38 -3.38
CA ASN A 29 5.31 -4.61 -3.90
C ASN A 29 4.96 -4.01 -5.26
N SER A 30 4.07 -4.66 -5.99
CA SER A 30 3.66 -4.18 -7.30
C SER A 30 2.50 -3.21 -7.19
N HIS A 31 1.59 -3.50 -6.26
CA HIS A 31 0.42 -2.66 -6.05
C HIS A 31 0.84 -1.24 -5.63
N ARG A 32 1.86 -1.17 -4.80
CA ARG A 32 2.36 0.12 -4.32
C ARG A 32 2.80 1.00 -5.48
N MET A 33 3.17 0.36 -6.59
CA MET A 33 3.62 1.09 -7.77
C MET A 33 2.50 1.95 -8.35
N ILE A 34 1.32 1.35 -8.48
CA ILE A 34 0.16 2.06 -9.02
C ILE A 34 0.00 3.43 -8.36
N HIS A 35 0.43 3.52 -7.11
CA HIS A 35 0.34 4.78 -6.37
C HIS A 35 1.51 5.69 -6.70
N THR A 36 2.68 5.37 -6.17
CA THR A 36 3.88 6.17 -6.40
C THR A 36 3.54 7.65 -6.56
N GLY A 37 2.73 8.16 -5.64
CA GLY A 37 2.34 9.56 -5.70
C GLY A 37 3.04 10.39 -4.64
N GLU A 38 4.36 10.53 -4.77
CA GLU A 38 5.13 11.31 -3.82
C GLU A 38 6.22 12.12 -4.54
N LYS A 39 6.46 13.33 -4.05
CA LYS A 39 7.47 14.20 -4.64
C LYS A 39 8.71 13.42 -5.04
N PRO A 40 9.29 13.74 -6.21
CA PRO A 40 10.49 13.08 -6.71
C PRO A 40 11.73 13.42 -5.90
N SER A 41 12.63 12.46 -5.79
CA SER A 41 13.86 12.66 -5.03
C SER A 41 14.71 13.78 -5.65
N GLY A 42 14.83 13.75 -6.98
CA GLY A 42 15.61 14.76 -7.67
C GLY A 42 15.29 14.82 -9.15
N PRO A 43 14.89 16.01 -9.62
CA PRO A 43 14.54 16.24 -11.03
C PRO A 43 15.76 16.16 -11.94
N SER A 44 16.95 16.18 -11.34
CA SER A 44 18.19 16.11 -12.11
C SER A 44 18.99 14.86 -11.74
N SER A 45 18.72 13.77 -12.45
CA SER A 45 19.41 12.52 -12.19
C SER A 45 20.87 12.60 -12.63
N GLY A 46 21.72 11.76 -12.04
CA GLY A 46 23.12 11.75 -12.38
C GLY A 46 23.36 11.75 -13.88
N GLY A 1 -5.41 6.60 30.21
CA GLY A 1 -5.40 6.39 28.77
C GLY A 1 -6.09 5.10 28.38
N SER A 2 -6.38 4.96 27.09
CA SER A 2 -7.04 3.76 26.59
C SER A 2 -6.31 3.21 25.36
N SER A 3 -6.70 2.01 24.94
CA SER A 3 -6.08 1.37 23.79
C SER A 3 -6.05 2.31 22.59
N GLY A 4 -7.18 2.98 22.34
CA GLY A 4 -7.27 3.90 21.22
C GLY A 4 -7.45 3.19 19.90
N SER A 5 -6.83 3.73 18.85
CA SER A 5 -6.93 3.14 17.51
C SER A 5 -6.08 1.89 17.41
N SER A 6 -6.46 0.99 16.49
CA SER A 6 -5.74 -0.25 16.29
C SER A 6 -5.30 -0.39 14.84
N GLY A 7 -4.01 -0.67 14.63
CA GLY A 7 -3.48 -0.83 13.29
C GLY A 7 -2.88 -2.20 13.06
N THR A 8 -3.55 -3.01 12.26
CA THR A 8 -3.07 -4.36 11.96
C THR A 8 -3.87 -4.98 10.81
N ALA A 9 -3.29 -5.99 10.17
CA ALA A 9 -3.94 -6.68 9.06
C ALA A 9 -3.69 -8.18 9.13
N GLU A 10 -4.72 -8.96 8.85
CA GLU A 10 -4.62 -10.42 8.87
C GLU A 10 -3.45 -10.89 8.01
N LYS A 11 -2.95 -10.00 7.15
CA LYS A 11 -1.83 -10.32 6.28
C LYS A 11 -0.58 -9.56 6.69
N PRO A 12 0.59 -10.15 6.42
CA PRO A 12 1.88 -9.53 6.76
C PRO A 12 2.19 -8.31 5.90
N PHE A 13 1.57 -8.26 4.72
CA PHE A 13 1.79 -7.14 3.81
C PHE A 13 0.61 -6.18 3.86
N ARG A 14 0.90 -4.88 3.81
CA ARG A 14 -0.12 -3.85 3.85
C ARG A 14 0.33 -2.60 3.11
N CYS A 15 -0.58 -2.01 2.34
CA CYS A 15 -0.28 -0.80 1.58
C CYS A 15 -0.53 0.45 2.42
N ASP A 16 0.53 1.21 2.67
CA ASP A 16 0.42 2.43 3.46
C ASP A 16 -0.03 3.61 2.58
N THR A 17 -0.95 3.33 1.66
CA THR A 17 -1.46 4.36 0.76
C THR A 17 -2.98 4.36 0.74
N CYS A 18 -3.56 3.21 0.43
CA CYS A 18 -5.01 3.08 0.37
C CYS A 18 -5.52 2.11 1.45
N ASP A 19 -4.67 1.84 2.43
CA ASP A 19 -5.02 0.93 3.51
C ASP A 19 -5.43 -0.43 2.97
N LYS A 20 -4.57 -1.01 2.14
CA LYS A 20 -4.84 -2.33 1.57
C LYS A 20 -3.90 -3.39 2.13
N SER A 21 -4.09 -4.62 1.71
CA SER A 21 -3.27 -5.74 2.18
C SER A 21 -3.25 -6.86 1.15
N PHE A 22 -2.10 -7.54 1.07
CA PHE A 22 -1.94 -8.64 0.13
C PHE A 22 -1.35 -9.87 0.82
N ARG A 23 -1.33 -11.00 0.12
CA ARG A 23 -0.79 -12.24 0.66
C ARG A 23 0.61 -12.50 0.12
N GLN A 24 0.84 -12.11 -1.13
CA GLN A 24 2.14 -12.30 -1.76
C GLN A 24 2.94 -11.01 -1.78
N ARG A 25 4.17 -11.07 -1.28
CA ARG A 25 5.04 -9.91 -1.24
C ARG A 25 5.16 -9.26 -2.61
N SER A 26 5.10 -10.09 -3.65
CA SER A 26 5.20 -9.61 -5.03
C SER A 26 3.89 -8.98 -5.48
N ALA A 27 2.82 -9.26 -4.74
CA ALA A 27 1.51 -8.72 -5.07
C ALA A 27 1.34 -7.30 -4.55
N LEU A 28 1.94 -7.05 -3.38
CA LEU A 28 1.86 -5.72 -2.77
C LEU A 28 2.94 -4.79 -3.34
N ASN A 29 4.18 -5.27 -3.36
CA ASN A 29 5.29 -4.48 -3.87
C ASN A 29 4.95 -3.90 -5.24
N SER A 30 4.10 -4.60 -5.98
CA SER A 30 3.69 -4.14 -7.31
C SER A 30 2.51 -3.19 -7.22
N HIS A 31 1.59 -3.48 -6.30
CA HIS A 31 0.41 -2.64 -6.12
C HIS A 31 0.81 -1.22 -5.72
N ARG A 32 1.78 -1.11 -4.82
CA ARG A 32 2.25 0.19 -4.36
C ARG A 32 2.71 1.05 -5.53
N MET A 33 3.04 0.40 -6.64
CA MET A 33 3.50 1.11 -7.83
C MET A 33 2.37 1.94 -8.43
N ILE A 34 1.20 1.33 -8.57
CA ILE A 34 0.04 2.02 -9.13
C ILE A 34 -0.16 3.39 -8.48
N HIS A 35 0.30 3.52 -7.24
CA HIS A 35 0.17 4.78 -6.51
C HIS A 35 1.34 5.71 -6.84
N THR A 36 1.97 5.47 -7.98
CA THR A 36 3.10 6.29 -8.40
C THR A 36 2.85 6.91 -9.78
N GLY A 37 2.31 6.10 -10.69
CA GLY A 37 2.03 6.60 -12.03
C GLY A 37 1.14 7.83 -12.02
N GLU A 38 -0.17 7.60 -12.03
CA GLU A 38 -1.13 8.70 -12.02
C GLU A 38 -0.86 9.66 -13.18
N LYS A 39 -0.23 9.15 -14.22
CA LYS A 39 0.09 9.97 -15.39
C LYS A 39 -1.07 10.88 -15.76
N PRO A 40 -0.95 12.17 -15.39
CA PRO A 40 -1.98 13.17 -15.66
C PRO A 40 -2.08 13.50 -17.15
N SER A 41 -3.22 14.07 -17.54
CA SER A 41 -3.45 14.43 -18.94
C SER A 41 -3.40 15.94 -19.12
N GLY A 42 -3.68 16.39 -20.33
CA GLY A 42 -3.66 17.81 -20.62
C GLY A 42 -5.04 18.37 -20.93
N PRO A 43 -5.55 18.07 -22.14
CA PRO A 43 -6.87 18.53 -22.58
C PRO A 43 -8.00 17.84 -21.83
N SER A 44 -7.64 16.96 -20.90
CA SER A 44 -8.63 16.23 -20.11
C SER A 44 -8.66 16.73 -18.67
N SER A 45 -9.48 17.74 -18.41
CA SER A 45 -9.58 18.31 -17.08
C SER A 45 -11.04 18.33 -16.62
N GLY A 46 -11.27 17.90 -15.39
CA GLY A 46 -12.63 17.88 -14.84
C GLY A 46 -13.32 19.21 -15.00
N GLY A 1 -6.25 10.35 27.48
CA GLY A 1 -6.36 11.36 26.45
C GLY A 1 -7.01 10.83 25.19
N SER A 2 -6.25 10.13 24.36
CA SER A 2 -6.77 9.57 23.12
C SER A 2 -6.48 8.08 23.03
N SER A 3 -7.36 7.36 22.33
CA SER A 3 -7.21 5.92 22.19
C SER A 3 -7.12 5.54 20.71
N GLY A 4 -6.77 4.28 20.45
CA GLY A 4 -6.65 3.81 19.08
C GLY A 4 -5.89 2.51 18.99
N SER A 5 -6.50 1.51 18.35
CA SER A 5 -5.87 0.20 18.18
C SER A 5 -5.48 -0.05 16.73
N SER A 6 -4.19 -0.15 16.48
CA SER A 6 -3.69 -0.39 15.13
C SER A 6 -2.37 -1.15 15.16
N GLY A 7 -2.03 -1.80 14.05
CA GLY A 7 -0.79 -2.55 13.97
C GLY A 7 -1.01 -3.95 13.42
N THR A 8 -1.99 -4.65 13.95
CA THR A 8 -2.30 -6.01 13.52
C THR A 8 -2.98 -6.01 12.15
N ALA A 9 -2.56 -6.94 11.29
CA ALA A 9 -3.12 -7.04 9.95
C ALA A 9 -3.22 -8.50 9.50
N GLU A 10 -4.43 -8.95 9.21
CA GLU A 10 -4.65 -10.33 8.78
C GLU A 10 -3.48 -10.82 7.95
N LYS A 11 -2.86 -9.93 7.20
CA LYS A 11 -1.72 -10.27 6.36
C LYS A 11 -0.50 -9.44 6.72
N PRO A 12 0.70 -9.99 6.48
CA PRO A 12 1.96 -9.31 6.78
C PRO A 12 2.21 -8.13 5.84
N PHE A 13 1.59 -8.15 4.67
CA PHE A 13 1.74 -7.09 3.69
C PHE A 13 0.57 -6.12 3.76
N ARG A 14 0.87 -4.82 3.73
CA ARG A 14 -0.16 -3.79 3.78
C ARG A 14 0.29 -2.53 3.04
N CYS A 15 -0.64 -1.93 2.30
CA CYS A 15 -0.32 -0.73 1.54
C CYS A 15 -0.59 0.52 2.38
N ASP A 16 0.47 1.28 2.65
CA ASP A 16 0.34 2.50 3.44
C ASP A 16 -0.12 3.67 2.57
N THR A 17 -1.05 3.39 1.67
CA THR A 17 -1.57 4.42 0.77
C THR A 17 -3.09 4.38 0.73
N CYS A 18 -3.65 3.22 0.42
CA CYS A 18 -5.10 3.05 0.35
C CYS A 18 -5.59 2.09 1.42
N ASP A 19 -4.73 1.82 2.40
CA ASP A 19 -5.08 0.92 3.49
C ASP A 19 -5.48 -0.45 2.95
N LYS A 20 -4.61 -1.04 2.14
CA LYS A 20 -4.88 -2.36 1.57
C LYS A 20 -3.92 -3.40 2.13
N SER A 21 -4.12 -4.66 1.73
CA SER A 21 -3.28 -5.76 2.20
C SER A 21 -3.29 -6.90 1.20
N PHE A 22 -2.15 -7.59 1.09
CA PHE A 22 -2.02 -8.71 0.16
C PHE A 22 -1.42 -9.93 0.86
N ARG A 23 -1.27 -11.02 0.13
CA ARG A 23 -0.71 -12.25 0.68
C ARG A 23 0.68 -12.51 0.11
N GLN A 24 0.87 -12.15 -1.16
CA GLN A 24 2.16 -12.35 -1.82
C GLN A 24 2.95 -11.05 -1.87
N ARG A 25 4.20 -11.10 -1.39
CA ARG A 25 5.06 -9.93 -1.37
C ARG A 25 5.13 -9.29 -2.76
N SER A 26 5.10 -10.12 -3.79
CA SER A 26 5.16 -9.65 -5.17
C SER A 26 3.84 -9.02 -5.59
N ALA A 27 2.79 -9.29 -4.82
CA ALA A 27 1.46 -8.76 -5.12
C ALA A 27 1.31 -7.35 -4.58
N LEU A 28 1.92 -7.09 -3.42
CA LEU A 28 1.85 -5.78 -2.79
C LEU A 28 2.92 -4.85 -3.35
N ASN A 29 4.15 -5.35 -3.40
CA ASN A 29 5.27 -4.56 -3.92
C ASN A 29 4.93 -3.96 -5.28
N SER A 30 4.05 -4.63 -6.01
CA SER A 30 3.65 -4.16 -7.33
C SER A 30 2.45 -3.21 -7.24
N HIS A 31 1.54 -3.52 -6.31
CA HIS A 31 0.35 -2.70 -6.11
C HIS A 31 0.73 -1.29 -5.67
N ARG A 32 1.73 -1.20 -4.80
CA ARG A 32 2.19 0.09 -4.29
C ARG A 32 2.69 0.97 -5.43
N MET A 33 3.15 0.34 -6.51
CA MET A 33 3.66 1.06 -7.67
C MET A 33 2.57 1.93 -8.29
N ILE A 34 1.38 1.36 -8.45
CA ILE A 34 0.25 2.07 -9.03
C ILE A 34 0.05 3.42 -8.35
N HIS A 35 0.42 3.49 -7.07
CA HIS A 35 0.28 4.72 -6.30
C HIS A 35 1.45 5.66 -6.55
N THR A 36 1.87 5.74 -7.82
CA THR A 36 3.00 6.60 -8.18
C THR A 36 2.63 7.49 -9.37
N GLY A 37 1.42 8.05 -9.34
CA GLY A 37 0.98 8.92 -10.42
C GLY A 37 -0.52 8.82 -10.67
N GLU A 38 -1.07 9.82 -11.34
CA GLU A 38 -2.50 9.83 -11.63
C GLU A 38 -3.32 9.69 -10.35
N LYS A 39 -2.92 10.41 -9.32
CA LYS A 39 -3.62 10.37 -8.03
C LYS A 39 -4.26 11.71 -7.72
N PRO A 40 -5.44 11.68 -7.07
CA PRO A 40 -6.17 12.90 -6.70
C PRO A 40 -5.48 13.65 -5.57
N SER A 41 -5.13 12.95 -4.50
CA SER A 41 -4.47 13.56 -3.36
C SER A 41 -3.83 12.50 -2.47
N GLY A 42 -2.55 12.68 -2.17
CA GLY A 42 -1.84 11.73 -1.33
C GLY A 42 -2.09 11.96 0.15
N PRO A 43 -1.15 11.50 0.99
CA PRO A 43 -1.25 11.65 2.44
C PRO A 43 -1.08 13.10 2.89
N SER A 44 -1.54 13.41 4.10
CA SER A 44 -1.44 14.76 4.64
C SER A 44 -0.04 15.03 5.18
N SER A 45 0.47 14.09 5.99
CA SER A 45 1.80 14.23 6.58
C SER A 45 2.73 13.12 6.08
N GLY A 46 4.03 13.41 6.06
CA GLY A 46 5.00 12.44 5.61
C GLY A 46 6.42 12.94 5.71
N GLY A 1 -12.29 14.47 17.86
CA GLY A 1 -12.07 13.05 18.05
C GLY A 1 -11.95 12.29 16.74
N SER A 2 -10.78 11.72 16.50
CA SER A 2 -10.55 10.97 15.27
C SER A 2 -11.05 9.53 15.41
N SER A 3 -11.24 8.86 14.27
CA SER A 3 -11.72 7.49 14.26
C SER A 3 -10.55 6.50 14.15
N GLY A 4 -10.73 5.32 14.72
CA GLY A 4 -9.68 4.32 14.67
C GLY A 4 -9.84 3.37 13.50
N SER A 5 -9.71 3.91 12.29
CA SER A 5 -9.84 3.11 11.08
C SER A 5 -8.55 2.37 10.77
N SER A 6 -7.94 1.81 11.82
CA SER A 6 -6.69 1.07 11.66
C SER A 6 -6.53 0.02 12.76
N GLY A 7 -6.55 -1.24 12.37
CA GLY A 7 -6.41 -2.32 13.33
C GLY A 7 -5.26 -3.25 13.01
N THR A 8 -5.51 -4.21 12.14
CA THR A 8 -4.49 -5.18 11.74
C THR A 8 -4.94 -6.01 10.55
N ALA A 9 -4.10 -6.06 9.51
CA ALA A 9 -4.43 -6.84 8.32
C ALA A 9 -4.04 -8.29 8.49
N GLU A 10 -5.02 -9.19 8.31
CA GLU A 10 -4.77 -10.62 8.45
C GLU A 10 -3.44 -11.00 7.83
N LYS A 11 -2.97 -10.19 6.88
CA LYS A 11 -1.70 -10.45 6.22
C LYS A 11 -0.63 -9.46 6.68
N PRO A 12 0.64 -9.87 6.57
CA PRO A 12 1.78 -9.04 6.97
C PRO A 12 1.98 -7.85 6.03
N PHE A 13 1.67 -8.06 4.75
CA PHE A 13 1.82 -7.00 3.76
C PHE A 13 0.63 -6.04 3.79
N ARG A 14 0.93 -4.75 3.82
CA ARG A 14 -0.10 -3.72 3.86
C ARG A 14 0.34 -2.47 3.12
N CYS A 15 -0.58 -1.89 2.35
CA CYS A 15 -0.28 -0.68 1.58
C CYS A 15 -0.54 0.56 2.41
N ASP A 16 0.51 1.33 2.66
CA ASP A 16 0.38 2.56 3.45
C ASP A 16 -0.09 3.72 2.58
N THR A 17 -1.01 3.43 1.66
CA THR A 17 -1.54 4.44 0.76
C THR A 17 -3.07 4.40 0.72
N CYS A 18 -3.61 3.21 0.46
CA CYS A 18 -5.06 3.03 0.39
C CYS A 18 -5.54 2.10 1.50
N ASP A 19 -4.64 1.76 2.41
CA ASP A 19 -4.97 0.88 3.52
C ASP A 19 -5.39 -0.49 3.02
N LYS A 20 -4.52 -1.11 2.23
CA LYS A 20 -4.80 -2.44 1.68
C LYS A 20 -3.82 -3.47 2.22
N SER A 21 -4.02 -4.72 1.83
CA SER A 21 -3.15 -5.81 2.29
C SER A 21 -3.11 -6.94 1.26
N PHE A 22 -1.95 -7.58 1.14
CA PHE A 22 -1.77 -8.67 0.19
C PHE A 22 -1.13 -9.88 0.86
N ARG A 23 -1.30 -11.05 0.27
CA ARG A 23 -0.73 -12.28 0.81
C ARG A 23 0.67 -12.52 0.26
N GLN A 24 0.88 -12.16 -1.00
CA GLN A 24 2.18 -12.33 -1.64
C GLN A 24 2.93 -11.01 -1.73
N ARG A 25 4.21 -11.04 -1.36
CA ARG A 25 5.05 -9.84 -1.39
C ARG A 25 5.10 -9.25 -2.80
N SER A 26 4.95 -10.11 -3.81
CA SER A 26 4.99 -9.68 -5.20
C SER A 26 3.67 -9.01 -5.59
N ALA A 27 2.63 -9.27 -4.81
CA ALA A 27 1.32 -8.70 -5.08
C ALA A 27 1.22 -7.28 -4.53
N LEU A 28 1.88 -7.03 -3.39
CA LEU A 28 1.86 -5.72 -2.77
C LEU A 28 2.96 -4.83 -3.34
N ASN A 29 4.17 -5.36 -3.41
CA ASN A 29 5.30 -4.62 -3.95
C ASN A 29 4.97 -4.01 -5.31
N SER A 30 4.06 -4.66 -6.02
CA SER A 30 3.65 -4.18 -7.34
C SER A 30 2.45 -3.23 -7.23
N HIS A 31 1.54 -3.54 -6.32
CA HIS A 31 0.35 -2.72 -6.11
C HIS A 31 0.74 -1.31 -5.69
N ARG A 32 1.80 -1.21 -4.89
CA ARG A 32 2.27 0.09 -4.40
C ARG A 32 2.72 0.97 -5.56
N MET A 33 3.13 0.34 -6.65
CA MET A 33 3.58 1.07 -7.84
C MET A 33 2.45 1.93 -8.41
N ILE A 34 1.26 1.34 -8.49
CA ILE A 34 0.10 2.05 -9.03
C ILE A 34 -0.08 3.39 -8.33
N HIS A 35 0.40 3.49 -7.09
CA HIS A 35 0.30 4.72 -6.33
C HIS A 35 1.44 5.68 -6.67
N THR A 36 2.67 5.19 -6.55
CA THR A 36 3.84 6.00 -6.84
C THR A 36 3.60 6.92 -8.04
N GLY A 37 3.95 8.19 -7.89
CA GLY A 37 3.76 9.14 -8.97
C GLY A 37 4.90 9.13 -9.96
N GLU A 38 4.59 8.86 -11.22
CA GLU A 38 5.59 8.80 -12.28
C GLU A 38 4.95 8.84 -13.65
N LYS A 39 5.28 9.87 -14.43
CA LYS A 39 4.72 10.03 -15.77
C LYS A 39 5.24 8.93 -16.69
N PRO A 40 4.37 8.46 -17.60
CA PRO A 40 4.72 7.41 -18.56
C PRO A 40 5.70 7.89 -19.62
N SER A 41 6.35 6.94 -20.28
CA SER A 41 7.32 7.27 -21.33
C SER A 41 6.82 8.41 -22.20
N GLY A 42 5.54 8.34 -22.58
CA GLY A 42 4.96 9.37 -23.42
C GLY A 42 3.45 9.31 -23.44
N PRO A 43 2.81 10.05 -22.52
CA PRO A 43 1.35 10.09 -22.42
C PRO A 43 0.71 10.82 -23.59
N SER A 44 0.26 10.07 -24.58
CA SER A 44 -0.38 10.64 -25.76
C SER A 44 -1.64 11.41 -25.38
N SER A 45 -2.16 12.20 -26.32
CA SER A 45 -3.35 12.99 -26.08
C SER A 45 -4.58 12.09 -25.93
N GLY A 46 -5.28 12.24 -24.80
CA GLY A 46 -6.46 11.43 -24.56
C GLY A 46 -6.84 11.39 -23.09
N GLY A 1 -19.12 0.90 19.63
CA GLY A 1 -18.65 0.78 18.26
C GLY A 1 -18.68 -0.65 17.76
N SER A 2 -18.84 -0.82 16.45
CA SER A 2 -18.89 -2.14 15.85
C SER A 2 -17.48 -2.69 15.62
N SER A 3 -16.62 -2.53 16.63
CA SER A 3 -15.25 -3.00 16.54
C SER A 3 -14.66 -3.20 17.93
N GLY A 4 -13.73 -4.15 18.04
CA GLY A 4 -13.09 -4.43 19.32
C GLY A 4 -11.83 -5.24 19.18
N SER A 5 -11.93 -6.54 19.42
CA SER A 5 -10.78 -7.44 19.32
C SER A 5 -10.40 -7.68 17.86
N SER A 6 -9.10 -7.62 17.57
CA SER A 6 -8.61 -7.83 16.22
C SER A 6 -7.08 -7.86 16.19
N GLY A 7 -6.53 -8.75 15.38
CA GLY A 7 -5.09 -8.87 15.29
C GLY A 7 -4.47 -7.72 14.51
N THR A 8 -3.15 -7.56 14.66
CA THR A 8 -2.45 -6.49 13.97
C THR A 8 -2.93 -6.34 12.53
N ALA A 9 -2.78 -7.40 11.74
CA ALA A 9 -3.21 -7.38 10.35
C ALA A 9 -3.32 -8.80 9.80
N GLU A 10 -4.52 -9.16 9.35
CA GLU A 10 -4.76 -10.49 8.80
C GLU A 10 -3.59 -10.94 7.95
N LYS A 11 -2.95 -10.00 7.26
CA LYS A 11 -1.81 -10.31 6.41
C LYS A 11 -0.60 -9.46 6.79
N PRO A 12 0.61 -10.00 6.55
CA PRO A 12 1.86 -9.31 6.86
C PRO A 12 2.10 -8.11 5.95
N PHE A 13 1.62 -8.19 4.72
CA PHE A 13 1.78 -7.12 3.76
C PHE A 13 0.61 -6.14 3.82
N ARG A 14 0.91 -4.85 3.75
CA ARG A 14 -0.12 -3.82 3.81
C ARG A 14 0.32 -2.57 3.05
N CYS A 15 -0.60 -2.01 2.27
CA CYS A 15 -0.30 -0.81 1.49
C CYS A 15 -0.54 0.45 2.32
N ASP A 16 0.52 1.23 2.53
CA ASP A 16 0.42 2.46 3.31
C ASP A 16 -0.06 3.62 2.44
N THR A 17 -1.01 3.33 1.57
CA THR A 17 -1.56 4.35 0.68
C THR A 17 -3.09 4.32 0.68
N CYS A 18 -3.65 3.15 0.37
CA CYS A 18 -5.10 2.99 0.33
C CYS A 18 -5.58 2.08 1.47
N ASP A 19 -4.67 1.77 2.38
CA ASP A 19 -4.99 0.91 3.51
C ASP A 19 -5.38 -0.49 3.05
N LYS A 20 -4.65 -1.00 2.05
CA LYS A 20 -4.93 -2.33 1.51
C LYS A 20 -3.95 -3.35 2.08
N SER A 21 -4.14 -4.61 1.70
CA SER A 21 -3.28 -5.70 2.18
C SER A 21 -3.27 -6.85 1.18
N PHE A 22 -2.12 -7.53 1.09
CA PHE A 22 -1.97 -8.66 0.18
C PHE A 22 -1.34 -9.85 0.89
N ARG A 23 -1.24 -10.96 0.18
CA ARG A 23 -0.65 -12.18 0.75
C ARG A 23 0.74 -12.44 0.17
N GLN A 24 0.91 -12.10 -1.10
CA GLN A 24 2.19 -12.30 -1.78
C GLN A 24 2.96 -10.99 -1.88
N ARG A 25 4.21 -11.01 -1.44
CA ARG A 25 5.06 -9.82 -1.48
C ARG A 25 5.09 -9.22 -2.88
N SER A 26 4.97 -10.08 -3.88
CA SER A 26 4.99 -9.64 -5.27
C SER A 26 3.69 -8.94 -5.65
N ALA A 27 2.65 -9.19 -4.86
CA ALA A 27 1.34 -8.59 -5.10
C ALA A 27 1.26 -7.18 -4.50
N LEU A 28 1.94 -6.99 -3.38
CA LEU A 28 1.95 -5.70 -2.71
C LEU A 28 3.05 -4.80 -3.26
N ASN A 29 4.25 -5.38 -3.42
CA ASN A 29 5.39 -4.63 -3.94
C ASN A 29 5.06 -4.02 -5.30
N SER A 30 4.12 -4.63 -6.01
CA SER A 30 3.71 -4.16 -7.33
C SER A 30 2.50 -3.24 -7.23
N HIS A 31 1.64 -3.53 -6.26
CA HIS A 31 0.44 -2.72 -6.06
C HIS A 31 0.79 -1.31 -5.62
N ARG A 32 1.81 -1.19 -4.79
CA ARG A 32 2.26 0.11 -4.30
C ARG A 32 2.71 1.00 -5.45
N MET A 33 3.15 0.37 -6.54
CA MET A 33 3.62 1.11 -7.70
C MET A 33 2.49 1.94 -8.31
N ILE A 34 1.32 1.32 -8.44
CA ILE A 34 0.15 2.01 -8.99
C ILE A 34 -0.07 3.35 -8.32
N HIS A 35 0.37 3.46 -7.07
CA HIS A 35 0.22 4.70 -6.31
C HIS A 35 1.36 5.66 -6.61
N THR A 36 1.67 5.84 -7.89
CA THR A 36 2.74 6.74 -8.30
C THR A 36 2.37 7.49 -9.58
N GLY A 37 3.23 8.42 -9.98
CA GLY A 37 2.98 9.21 -11.17
C GLY A 37 3.35 10.66 -11.01
N GLU A 38 2.46 11.55 -11.43
CA GLU A 38 2.70 12.99 -11.32
C GLU A 38 2.30 13.50 -9.94
N LYS A 39 3.07 13.13 -8.93
CA LYS A 39 2.81 13.56 -7.56
C LYS A 39 4.11 13.85 -6.82
N PRO A 40 4.15 14.98 -6.11
CA PRO A 40 5.33 15.40 -5.34
C PRO A 40 5.56 14.51 -4.12
N SER A 41 6.17 13.35 -4.35
CA SER A 41 6.45 12.41 -3.27
C SER A 41 7.62 11.49 -3.63
N GLY A 42 8.02 10.65 -2.69
CA GLY A 42 9.12 9.74 -2.93
C GLY A 42 9.73 9.22 -1.65
N PRO A 43 8.95 8.47 -0.87
CA PRO A 43 9.40 7.90 0.40
C PRO A 43 10.44 6.79 0.21
N SER A 44 10.31 6.07 -0.90
CA SER A 44 11.23 4.98 -1.20
C SER A 44 11.54 4.16 0.05
N SER A 45 10.49 3.90 0.84
CA SER A 45 10.65 3.14 2.07
C SER A 45 10.81 1.65 1.77
N GLY A 46 11.67 0.98 2.53
CA GLY A 46 11.90 -0.44 2.32
C GLY A 46 12.76 -1.05 3.41
N GLY A 1 -8.05 3.04 32.22
CA GLY A 1 -8.08 1.80 31.48
C GLY A 1 -7.34 1.90 30.16
N SER A 2 -7.62 0.95 29.27
CA SER A 2 -6.97 0.93 27.95
C SER A 2 -7.73 0.04 26.98
N SER A 3 -7.73 0.41 25.71
CA SER A 3 -8.43 -0.34 24.68
C SER A 3 -7.89 -0.02 23.29
N GLY A 4 -8.33 -0.77 22.30
CA GLY A 4 -7.89 -0.53 20.93
C GLY A 4 -6.90 -1.57 20.47
N SER A 5 -7.40 -2.77 20.17
CA SER A 5 -6.55 -3.87 19.72
C SER A 5 -6.91 -4.28 18.30
N SER A 6 -7.18 -3.29 17.45
CA SER A 6 -7.54 -3.55 16.06
C SER A 6 -6.77 -2.64 15.12
N GLY A 7 -5.71 -3.17 14.51
CA GLY A 7 -4.92 -2.38 13.59
C GLY A 7 -4.12 -3.25 12.63
N THR A 8 -3.44 -4.26 13.17
CA THR A 8 -2.64 -5.17 12.35
C THR A 8 -3.51 -5.93 11.36
N ALA A 9 -3.05 -6.00 10.11
CA ALA A 9 -3.79 -6.70 9.07
C ALA A 9 -3.52 -8.20 9.12
N GLU A 10 -4.56 -9.00 8.87
CA GLU A 10 -4.43 -10.45 8.90
C GLU A 10 -3.27 -10.90 8.03
N LYS A 11 -2.81 -10.02 7.16
CA LYS A 11 -1.69 -10.33 6.26
C LYS A 11 -0.45 -9.55 6.66
N PRO A 12 0.73 -10.12 6.37
CA PRO A 12 2.01 -9.50 6.69
C PRO A 12 2.29 -8.26 5.83
N PHE A 13 1.62 -8.18 4.69
CA PHE A 13 1.79 -7.06 3.77
C PHE A 13 0.60 -6.11 3.86
N ARG A 14 0.88 -4.82 3.75
CA ARG A 14 -0.17 -3.80 3.82
C ARG A 14 0.25 -2.54 3.07
N CYS A 15 -0.67 -1.98 2.29
CA CYS A 15 -0.40 -0.78 1.52
C CYS A 15 -0.65 0.48 2.36
N ASP A 16 0.41 1.22 2.64
CA ASP A 16 0.31 2.45 3.42
C ASP A 16 -0.14 3.62 2.55
N THR A 17 -1.09 3.37 1.67
CA THR A 17 -1.61 4.40 0.78
C THR A 17 -3.13 4.38 0.74
N CYS A 18 -3.70 3.22 0.42
CA CYS A 18 -5.14 3.07 0.34
C CYS A 18 -5.65 2.10 1.40
N ASP A 19 -4.81 1.83 2.39
CA ASP A 19 -5.17 0.92 3.47
C ASP A 19 -5.56 -0.45 2.92
N LYS A 20 -4.66 -1.05 2.14
CA LYS A 20 -4.91 -2.35 1.55
C LYS A 20 -3.95 -3.40 2.13
N SER A 21 -4.14 -4.65 1.72
CA SER A 21 -3.30 -5.74 2.20
C SER A 21 -3.27 -6.89 1.20
N PHE A 22 -2.13 -7.55 1.09
CA PHE A 22 -1.97 -8.67 0.16
C PHE A 22 -1.38 -9.89 0.87
N ARG A 23 -1.32 -11.01 0.17
CA ARG A 23 -0.79 -12.24 0.73
C ARG A 23 0.65 -12.45 0.28
N GLN A 24 0.93 -12.18 -0.99
CA GLN A 24 2.27 -12.34 -1.54
C GLN A 24 2.95 -10.99 -1.70
N ARG A 25 4.21 -10.92 -1.27
CA ARG A 25 4.99 -9.69 -1.36
C ARG A 25 5.00 -9.16 -2.79
N SER A 26 5.01 -10.08 -3.75
CA SER A 26 5.01 -9.69 -5.17
C SER A 26 3.69 -9.05 -5.56
N ALA A 27 2.66 -9.28 -4.76
CA ALA A 27 1.34 -8.72 -5.02
C ALA A 27 1.23 -7.29 -4.50
N LEU A 28 1.87 -7.03 -3.36
CA LEU A 28 1.86 -5.71 -2.76
C LEU A 28 2.95 -4.83 -3.35
N ASN A 29 4.16 -5.37 -3.43
CA ASN A 29 5.28 -4.63 -3.98
C ASN A 29 4.95 -4.04 -5.34
N SER A 30 4.02 -4.68 -6.05
CA SER A 30 3.61 -4.22 -7.36
C SER A 30 2.44 -3.23 -7.25
N HIS A 31 1.53 -3.50 -6.31
CA HIS A 31 0.37 -2.64 -6.11
C HIS A 31 0.81 -1.24 -5.69
N ARG A 32 1.86 -1.16 -4.89
CA ARG A 32 2.38 0.11 -4.41
C ARG A 32 2.82 0.98 -5.59
N MET A 33 3.21 0.34 -6.68
CA MET A 33 3.67 1.06 -7.86
C MET A 33 2.56 1.94 -8.42
N ILE A 34 1.35 1.40 -8.47
CA ILE A 34 0.20 2.13 -8.99
C ILE A 34 0.06 3.49 -8.29
N HIS A 35 0.55 3.57 -7.06
CA HIS A 35 0.49 4.80 -6.29
C HIS A 35 1.68 5.70 -6.60
N THR A 36 1.98 5.86 -7.89
CA THR A 36 3.09 6.69 -8.32
C THR A 36 2.68 7.59 -9.47
N GLY A 37 2.66 8.89 -9.21
CA GLY A 37 2.28 9.85 -10.24
C GLY A 37 0.91 10.46 -10.01
N GLU A 38 -0.09 9.95 -10.72
CA GLU A 38 -1.45 10.46 -10.58
C GLU A 38 -2.21 9.70 -9.48
N LYS A 39 -2.77 10.44 -8.54
CA LYS A 39 -3.52 9.83 -7.44
C LYS A 39 -5.01 10.11 -7.59
N PRO A 40 -5.78 9.06 -7.91
CA PRO A 40 -7.23 9.16 -8.08
C PRO A 40 -7.95 9.41 -6.76
N SER A 41 -8.79 10.45 -6.74
CA SER A 41 -9.53 10.80 -5.54
C SER A 41 -10.67 9.80 -5.30
N GLY A 42 -10.72 9.25 -4.10
CA GLY A 42 -11.76 8.29 -3.76
C GLY A 42 -13.12 8.94 -3.65
N PRO A 43 -14.11 8.17 -3.13
CA PRO A 43 -15.48 8.67 -2.96
C PRO A 43 -15.59 9.71 -1.87
N SER A 44 -16.11 10.88 -2.23
CA SER A 44 -16.28 11.97 -1.28
C SER A 44 -17.51 11.77 -0.42
N SER A 45 -17.36 11.96 0.89
CA SER A 45 -18.47 11.79 1.82
C SER A 45 -19.05 10.39 1.73
N GLY A 46 -18.17 9.39 1.63
CA GLY A 46 -18.61 8.02 1.53
C GLY A 46 -18.48 7.27 2.84
N GLY A 1 -8.15 12.31 19.18
CA GLY A 1 -8.34 11.28 20.19
C GLY A 1 -7.20 10.28 20.24
N SER A 2 -7.52 9.05 20.62
CA SER A 2 -6.51 8.00 20.70
C SER A 2 -7.17 6.62 20.72
N SER A 3 -6.41 5.61 20.28
CA SER A 3 -6.92 4.24 20.24
C SER A 3 -5.82 3.27 19.82
N GLY A 4 -5.43 2.40 20.75
CA GLY A 4 -4.39 1.43 20.46
C GLY A 4 -4.86 0.33 19.52
N SER A 5 -3.97 -0.60 19.21
CA SER A 5 -4.30 -1.70 18.32
C SER A 5 -3.45 -2.93 18.63
N SER A 6 -4.09 -4.09 18.69
CA SER A 6 -3.39 -5.34 18.98
C SER A 6 -3.46 -6.29 17.80
N GLY A 7 -4.64 -6.36 17.18
CA GLY A 7 -4.83 -7.24 16.03
C GLY A 7 -4.24 -6.67 14.76
N THR A 8 -3.14 -7.26 14.31
CA THR A 8 -2.47 -6.80 13.10
C THR A 8 -3.20 -7.31 11.85
N ALA A 9 -3.00 -6.61 10.73
CA ALA A 9 -3.63 -6.99 9.48
C ALA A 9 -3.56 -8.50 9.26
N GLU A 10 -4.71 -9.10 8.96
CA GLU A 10 -4.78 -10.54 8.73
C GLU A 10 -3.60 -11.01 7.89
N LYS A 11 -3.02 -10.10 7.12
CA LYS A 11 -1.88 -10.42 6.27
C LYS A 11 -0.64 -9.65 6.70
N PRO A 12 0.54 -10.23 6.44
CA PRO A 12 1.83 -9.60 6.79
C PRO A 12 2.11 -8.37 5.95
N PHE A 13 1.60 -8.34 4.73
CA PHE A 13 1.80 -7.21 3.83
C PHE A 13 0.63 -6.23 3.91
N ARG A 14 0.94 -4.95 3.81
CA ARG A 14 -0.08 -3.91 3.86
C ARG A 14 0.36 -2.67 3.08
N CYS A 15 -0.57 -2.09 2.33
CA CYS A 15 -0.28 -0.90 1.54
C CYS A 15 -0.53 0.37 2.35
N ASP A 16 0.55 1.07 2.71
CA ASP A 16 0.45 2.30 3.47
C ASP A 16 0.10 3.47 2.57
N THR A 17 -0.82 3.24 1.64
CA THR A 17 -1.24 4.29 0.71
C THR A 17 -2.77 4.36 0.64
N CYS A 18 -3.40 3.21 0.40
CA CYS A 18 -4.85 3.15 0.30
C CYS A 18 -5.43 2.24 1.38
N ASP A 19 -4.60 1.87 2.35
CA ASP A 19 -5.02 1.00 3.44
C ASP A 19 -5.46 -0.36 2.91
N LYS A 20 -4.56 -1.01 2.16
CA LYS A 20 -4.85 -2.32 1.60
C LYS A 20 -3.91 -3.38 2.17
N SER A 21 -4.09 -4.62 1.75
CA SER A 21 -3.26 -5.72 2.22
C SER A 21 -3.26 -6.86 1.22
N PHE A 22 -2.12 -7.55 1.12
CA PHE A 22 -1.97 -8.67 0.19
C PHE A 22 -1.36 -9.88 0.89
N ARG A 23 -1.27 -10.98 0.16
CA ARG A 23 -0.71 -12.21 0.72
C ARG A 23 0.71 -12.44 0.21
N GLN A 24 0.95 -12.07 -1.05
CA GLN A 24 2.27 -12.23 -1.65
C GLN A 24 2.99 -10.89 -1.74
N ARG A 25 4.24 -10.87 -1.27
CA ARG A 25 5.05 -9.65 -1.29
C ARG A 25 5.09 -9.05 -2.69
N SER A 26 5.04 -9.92 -3.70
CA SER A 26 5.08 -9.48 -5.09
C SER A 26 3.75 -8.83 -5.48
N ALA A 27 2.70 -9.15 -4.74
CA ALA A 27 1.38 -8.60 -5.01
C ALA A 27 1.24 -7.19 -4.43
N LEU A 28 1.92 -6.94 -3.32
CA LEU A 28 1.87 -5.63 -2.67
C LEU A 28 2.95 -4.72 -3.22
N ASN A 29 4.18 -5.22 -3.28
CA ASN A 29 5.31 -4.45 -3.78
C ASN A 29 5.00 -3.87 -5.16
N SER A 30 4.11 -4.54 -5.90
CA SER A 30 3.73 -4.10 -7.23
C SER A 30 2.52 -3.17 -7.16
N HIS A 31 1.59 -3.49 -6.28
CA HIS A 31 0.38 -2.68 -6.12
C HIS A 31 0.73 -1.25 -5.72
N ARG A 32 1.72 -1.11 -4.85
CA ARG A 32 2.16 0.21 -4.39
C ARG A 32 2.64 1.06 -5.56
N MET A 33 3.03 0.40 -6.65
CA MET A 33 3.52 1.10 -7.84
C MET A 33 2.39 1.90 -8.49
N ILE A 34 1.22 1.27 -8.62
CA ILE A 34 0.07 1.92 -9.23
C ILE A 34 -0.18 3.29 -8.60
N HIS A 35 0.22 3.45 -7.34
CA HIS A 35 0.03 4.71 -6.63
C HIS A 35 1.15 5.70 -7.00
N THR A 36 2.36 5.19 -7.13
CA THR A 36 3.50 6.02 -7.48
C THR A 36 3.27 6.77 -8.78
N GLY A 37 3.30 8.10 -8.71
CA GLY A 37 3.09 8.92 -9.89
C GLY A 37 4.33 9.69 -10.30
N GLU A 38 4.13 10.88 -10.84
CA GLU A 38 5.24 11.72 -11.28
C GLU A 38 6.20 12.00 -10.12
N LYS A 39 7.20 12.84 -10.38
CA LYS A 39 8.18 13.19 -9.36
C LYS A 39 8.38 12.04 -8.38
N PRO A 40 8.72 10.85 -8.92
CA PRO A 40 8.95 9.65 -8.11
C PRO A 40 10.23 9.75 -7.28
N SER A 41 10.62 8.63 -6.68
CA SER A 41 11.83 8.59 -5.86
C SER A 41 12.88 7.67 -6.48
N GLY A 42 13.04 7.76 -7.80
CA GLY A 42 14.01 6.93 -8.49
C GLY A 42 13.38 6.13 -9.61
N PRO A 43 14.23 5.38 -10.34
CA PRO A 43 13.78 4.55 -11.46
C PRO A 43 12.95 3.34 -10.98
N SER A 44 13.47 2.64 -9.98
CA SER A 44 12.79 1.46 -9.45
C SER A 44 12.23 0.60 -10.57
N SER A 45 13.02 0.42 -11.62
CA SER A 45 12.60 -0.38 -12.77
C SER A 45 13.20 -1.78 -12.69
N GLY A 46 12.63 -2.70 -13.46
CA GLY A 46 13.13 -4.06 -13.48
C GLY A 46 14.43 -4.20 -14.23
N GLY A 1 -13.30 7.22 22.35
CA GLY A 1 -13.13 6.06 23.20
C GLY A 1 -12.49 4.90 22.46
N SER A 2 -11.41 5.19 21.73
CA SER A 2 -10.71 4.16 20.97
C SER A 2 -9.63 3.49 21.82
N SER A 3 -9.99 2.38 22.46
CA SER A 3 -9.05 1.65 23.31
C SER A 3 -8.76 0.27 22.73
N GLY A 4 -8.57 0.21 21.42
CA GLY A 4 -8.28 -1.05 20.77
C GLY A 4 -6.87 -1.10 20.20
N SER A 5 -6.22 -2.25 20.37
CA SER A 5 -4.85 -2.43 19.87
C SER A 5 -4.71 -1.85 18.47
N SER A 6 -5.67 -2.16 17.60
CA SER A 6 -5.64 -1.68 16.22
C SER A 6 -4.28 -1.92 15.60
N GLY A 7 -3.70 -3.09 15.87
CA GLY A 7 -2.39 -3.41 15.32
C GLY A 7 -2.43 -4.66 14.46
N THR A 8 -2.99 -5.74 15.00
CA THR A 8 -3.07 -7.00 14.27
C THR A 8 -3.40 -6.77 12.80
N ALA A 9 -2.85 -7.61 11.94
CA ALA A 9 -3.08 -7.49 10.50
C ALA A 9 -3.22 -8.87 9.85
N GLU A 10 -4.44 -9.21 9.45
CA GLU A 10 -4.71 -10.49 8.81
C GLU A 10 -3.52 -10.94 7.96
N LYS A 11 -2.91 -9.98 7.26
CA LYS A 11 -1.77 -10.27 6.41
C LYS A 11 -0.58 -9.40 6.79
N PRO A 12 0.64 -9.92 6.55
CA PRO A 12 1.88 -9.21 6.86
C PRO A 12 2.10 -8.00 5.94
N PHE A 13 1.60 -8.11 4.71
CA PHE A 13 1.74 -7.02 3.74
C PHE A 13 0.57 -6.05 3.83
N ARG A 14 0.87 -4.76 3.74
CA ARG A 14 -0.16 -3.74 3.81
C ARG A 14 0.28 -2.48 3.06
N CYS A 15 -0.64 -1.90 2.29
CA CYS A 15 -0.34 -0.70 1.52
C CYS A 15 -0.62 0.56 2.36
N ASP A 16 0.44 1.30 2.65
CA ASP A 16 0.32 2.52 3.43
C ASP A 16 -0.15 3.69 2.56
N THR A 17 -1.11 3.41 1.67
CA THR A 17 -1.64 4.43 0.78
C THR A 17 -3.16 4.38 0.74
N CYS A 18 -3.70 3.21 0.42
CA CYS A 18 -5.14 3.03 0.36
C CYS A 18 -5.63 2.10 1.45
N ASP A 19 -4.75 1.78 2.40
CA ASP A 19 -5.10 0.90 3.50
C ASP A 19 -5.48 -0.48 2.99
N LYS A 20 -4.64 -1.04 2.12
CA LYS A 20 -4.90 -2.36 1.56
C LYS A 20 -3.92 -3.39 2.12
N SER A 21 -4.09 -4.64 1.72
CA SER A 21 -3.23 -5.72 2.19
C SER A 21 -3.20 -6.87 1.19
N PHE A 22 -2.05 -7.54 1.08
CA PHE A 22 -1.90 -8.65 0.16
C PHE A 22 -1.26 -9.85 0.87
N ARG A 23 -1.23 -10.99 0.18
CA ARG A 23 -0.65 -12.21 0.74
C ARG A 23 0.73 -12.48 0.12
N GLN A 24 0.88 -12.16 -1.16
CA GLN A 24 2.14 -12.38 -1.85
C GLN A 24 2.95 -11.09 -1.91
N ARG A 25 4.22 -11.18 -1.50
CA ARG A 25 5.10 -10.02 -1.49
C ARG A 25 5.15 -9.37 -2.88
N SER A 26 5.04 -10.20 -3.91
CA SER A 26 5.08 -9.70 -5.29
C SER A 26 3.74 -9.08 -5.68
N ALA A 27 2.73 -9.31 -4.85
CA ALA A 27 1.40 -8.76 -5.11
C ALA A 27 1.27 -7.35 -4.56
N LEU A 28 1.92 -7.09 -3.43
CA LEU A 28 1.89 -5.78 -2.81
C LEU A 28 2.97 -4.86 -3.37
N ASN A 29 4.19 -5.39 -3.44
CA ASN A 29 5.32 -4.63 -3.96
C ASN A 29 4.97 -4.01 -5.32
N SER A 30 4.07 -4.65 -6.05
CA SER A 30 3.66 -4.16 -7.36
C SER A 30 2.49 -3.19 -7.23
N HIS A 31 1.56 -3.51 -6.33
CA HIS A 31 0.39 -2.66 -6.11
C HIS A 31 0.81 -1.26 -5.66
N ARG A 32 1.83 -1.20 -4.81
CA ARG A 32 2.32 0.07 -4.31
C ARG A 32 2.81 0.97 -5.45
N MET A 33 3.16 0.33 -6.56
CA MET A 33 3.64 1.07 -7.73
C MET A 33 2.54 1.94 -8.31
N ILE A 34 1.35 1.37 -8.44
CA ILE A 34 0.21 2.09 -8.99
C ILE A 34 0.03 3.44 -8.30
N HIS A 35 0.45 3.51 -7.05
CA HIS A 35 0.34 4.75 -6.28
C HIS A 35 1.51 5.69 -6.59
N THR A 36 2.73 5.17 -6.45
CA THR A 36 3.93 5.96 -6.71
C THR A 36 3.70 6.95 -7.85
N GLY A 37 3.91 8.23 -7.58
CA GLY A 37 3.71 9.26 -8.59
C GLY A 37 4.33 10.58 -8.19
N GLU A 38 5.63 10.59 -7.95
CA GLU A 38 6.34 11.80 -7.56
C GLU A 38 7.51 12.07 -8.49
N LYS A 39 7.23 12.74 -9.60
CA LYS A 39 8.26 13.06 -10.58
C LYS A 39 8.34 14.57 -10.81
N PRO A 40 9.53 15.05 -11.22
CA PRO A 40 9.76 16.47 -11.48
C PRO A 40 9.02 16.96 -12.73
N SER A 41 8.96 18.28 -12.90
CA SER A 41 8.27 18.88 -14.04
C SER A 41 8.83 18.32 -15.35
N GLY A 42 7.93 18.08 -16.30
CA GLY A 42 8.36 17.57 -17.59
C GLY A 42 7.67 18.26 -18.75
N PRO A 43 8.45 18.57 -19.81
CA PRO A 43 7.93 19.24 -21.00
C PRO A 43 7.00 18.35 -21.81
N SER A 44 6.85 17.10 -21.38
CA SER A 44 5.99 16.14 -22.07
C SER A 44 4.54 16.33 -21.65
N SER A 45 3.62 15.88 -22.51
CA SER A 45 2.20 15.99 -22.23
C SER A 45 1.42 14.85 -22.89
N GLY A 46 0.14 14.75 -22.56
CA GLY A 46 -0.69 13.70 -23.13
C GLY A 46 -0.97 13.91 -24.60
N GLY A 1 -5.87 13.31 15.45
CA GLY A 1 -6.51 12.07 15.02
C GLY A 1 -5.54 11.11 14.36
N SER A 2 -4.49 10.74 15.08
CA SER A 2 -3.48 9.82 14.56
C SER A 2 -4.10 8.47 14.24
N SER A 3 -4.08 8.09 12.97
CA SER A 3 -4.64 6.82 12.53
C SER A 3 -3.54 5.88 12.04
N GLY A 4 -3.55 4.65 12.54
CA GLY A 4 -2.55 3.68 12.14
C GLY A 4 -1.24 3.88 12.85
N SER A 5 -1.05 3.19 13.97
CA SER A 5 0.17 3.29 14.75
C SER A 5 0.88 1.95 14.84
N SER A 6 0.14 0.92 15.23
CA SER A 6 0.70 -0.42 15.35
C SER A 6 0.64 -1.16 14.02
N GLY A 7 -0.48 -1.01 13.32
CA GLY A 7 -0.64 -1.67 12.03
C GLY A 7 -1.05 -3.13 12.18
N THR A 8 -2.35 -3.36 12.23
CA THR A 8 -2.88 -4.72 12.38
C THR A 8 -3.58 -5.18 11.10
N ALA A 9 -3.09 -6.27 10.52
CA ALA A 9 -3.67 -6.81 9.30
C ALA A 9 -3.50 -8.33 9.24
N GLU A 10 -4.59 -9.03 8.96
CA GLU A 10 -4.55 -10.49 8.86
C GLU A 10 -3.41 -10.95 7.98
N LYS A 11 -2.89 -10.04 7.16
CA LYS A 11 -1.79 -10.35 6.26
C LYS A 11 -0.53 -9.61 6.67
N PRO A 12 0.64 -10.21 6.37
CA PRO A 12 1.94 -9.62 6.70
C PRO A 12 2.25 -8.38 5.86
N PHE A 13 1.59 -8.27 4.71
CA PHE A 13 1.78 -7.13 3.81
C PHE A 13 0.61 -6.17 3.90
N ARG A 14 0.91 -4.87 3.79
CA ARG A 14 -0.13 -3.84 3.85
C ARG A 14 0.31 -2.60 3.09
N CYS A 15 -0.61 -2.03 2.32
CA CYS A 15 -0.33 -0.83 1.54
C CYS A 15 -0.56 0.43 2.37
N ASP A 16 0.50 1.20 2.56
CA ASP A 16 0.43 2.43 3.34
C ASP A 16 -0.04 3.59 2.46
N THR A 17 -1.02 3.33 1.61
CA THR A 17 -1.56 4.35 0.71
C THR A 17 -3.08 4.33 0.70
N CYS A 18 -3.66 3.17 0.38
CA CYS A 18 -5.10 3.02 0.32
C CYS A 18 -5.58 2.07 1.41
N ASP A 19 -4.73 1.84 2.41
CA ASP A 19 -5.07 0.94 3.52
C ASP A 19 -5.47 -0.43 3.00
N LYS A 20 -4.63 -1.01 2.14
CA LYS A 20 -4.90 -2.32 1.57
C LYS A 20 -3.95 -3.37 2.14
N SER A 21 -4.12 -4.61 1.73
CA SER A 21 -3.28 -5.70 2.21
C SER A 21 -3.26 -6.85 1.21
N PHE A 22 -2.11 -7.52 1.10
CA PHE A 22 -1.96 -8.64 0.18
C PHE A 22 -1.35 -9.84 0.88
N ARG A 23 -1.32 -10.97 0.19
CA ARG A 23 -0.77 -12.20 0.74
C ARG A 23 0.65 -12.43 0.26
N GLN A 24 0.91 -12.11 -1.01
CA GLN A 24 2.23 -12.28 -1.59
C GLN A 24 2.94 -10.94 -1.72
N ARG A 25 4.19 -10.89 -1.28
CA ARG A 25 4.98 -9.68 -1.33
C ARG A 25 5.00 -9.12 -2.76
N SER A 26 4.99 -10.01 -3.74
CA SER A 26 5.01 -9.60 -5.13
C SER A 26 3.69 -8.93 -5.53
N ALA A 27 2.64 -9.22 -4.78
CA ALA A 27 1.33 -8.65 -5.04
C ALA A 27 1.22 -7.23 -4.49
N LEU A 28 1.89 -7.00 -3.36
CA LEU A 28 1.87 -5.68 -2.74
C LEU A 28 2.97 -4.79 -3.31
N ASN A 29 4.18 -5.32 -3.35
CA ASN A 29 5.33 -4.57 -3.87
C ASN A 29 5.01 -3.98 -5.24
N SER A 30 4.11 -4.63 -5.97
CA SER A 30 3.72 -4.17 -7.29
C SER A 30 2.53 -3.21 -7.22
N HIS A 31 1.61 -3.50 -6.30
CA HIS A 31 0.43 -2.68 -6.13
C HIS A 31 0.82 -1.26 -5.70
N ARG A 32 1.85 -1.16 -4.87
CA ARG A 32 2.33 0.13 -4.40
C ARG A 32 2.77 1.01 -5.56
N MET A 33 3.15 0.38 -6.66
CA MET A 33 3.60 1.10 -7.85
C MET A 33 2.47 1.95 -8.43
N ILE A 34 1.29 1.35 -8.53
CA ILE A 34 0.12 2.05 -9.06
C ILE A 34 -0.07 3.40 -8.40
N HIS A 35 0.42 3.52 -7.16
CA HIS A 35 0.31 4.76 -6.41
C HIS A 35 1.46 5.70 -6.74
N THR A 36 2.69 5.21 -6.56
CA THR A 36 3.87 6.01 -6.83
C THR A 36 3.67 6.91 -8.04
N GLY A 37 4.21 8.12 -7.97
CA GLY A 37 4.07 9.06 -9.06
C GLY A 37 5.22 9.00 -10.04
N GLU A 38 5.41 10.06 -10.82
CA GLU A 38 6.48 10.11 -11.80
C GLU A 38 7.41 11.28 -11.53
N LYS A 39 8.34 11.09 -10.60
CA LYS A 39 9.30 12.12 -10.24
C LYS A 39 10.60 11.95 -11.01
N PRO A 40 11.18 13.06 -11.46
CA PRO A 40 12.43 13.06 -12.23
C PRO A 40 13.63 12.69 -11.36
N SER A 41 13.37 12.42 -10.09
CA SER A 41 14.43 12.05 -9.15
C SER A 41 15.52 11.24 -9.85
N GLY A 42 15.13 10.09 -10.39
CA GLY A 42 16.08 9.24 -11.09
C GLY A 42 15.44 8.47 -12.23
N PRO A 43 16.13 8.43 -13.38
CA PRO A 43 15.65 7.73 -14.57
C PRO A 43 15.68 6.21 -14.40
N SER A 44 14.54 5.65 -14.00
CA SER A 44 14.42 4.21 -13.79
C SER A 44 13.54 3.57 -14.86
N SER A 45 13.71 4.01 -16.10
CA SER A 45 12.92 3.49 -17.21
C SER A 45 13.71 3.57 -18.52
N GLY A 46 13.24 2.84 -19.53
CA GLY A 46 13.90 2.85 -20.82
C GLY A 46 12.99 3.31 -21.94
N GLY A 1 -11.36 12.39 16.53
CA GLY A 1 -10.31 11.40 16.50
C GLY A 1 -9.53 11.34 17.80
N SER A 2 -10.16 10.79 18.84
CA SER A 2 -9.53 10.67 20.15
C SER A 2 -8.27 9.80 20.07
N SER A 3 -8.44 8.57 19.61
CA SER A 3 -7.33 7.64 19.49
C SER A 3 -7.55 6.66 18.35
N GLY A 4 -6.48 6.01 17.90
CA GLY A 4 -6.58 5.05 16.82
C GLY A 4 -5.23 4.57 16.33
N SER A 5 -4.86 3.36 16.73
CA SER A 5 -3.58 2.79 16.34
C SER A 5 -3.78 1.46 15.61
N SER A 6 -3.15 1.34 14.44
CA SER A 6 -3.25 0.13 13.64
C SER A 6 -3.18 -1.12 14.52
N GLY A 7 -4.29 -1.86 14.57
CA GLY A 7 -4.33 -3.06 15.38
C GLY A 7 -3.55 -4.21 14.76
N THR A 8 -4.23 -5.01 13.94
CA THR A 8 -3.59 -6.15 13.28
C THR A 8 -4.10 -6.31 11.85
N ALA A 9 -3.28 -6.92 11.00
CA ALA A 9 -3.64 -7.14 9.62
C ALA A 9 -3.55 -8.61 9.24
N GLU A 10 -4.68 -9.20 8.89
CA GLU A 10 -4.73 -10.62 8.52
C GLU A 10 -3.44 -11.04 7.83
N LYS A 11 -2.90 -10.14 7.00
CA LYS A 11 -1.67 -10.41 6.28
C LYS A 11 -0.55 -9.45 6.70
N PRO A 12 0.70 -9.90 6.56
CA PRO A 12 1.87 -9.09 6.92
C PRO A 12 2.08 -7.91 5.97
N PHE A 13 1.65 -8.07 4.72
CA PHE A 13 1.79 -7.02 3.72
C PHE A 13 0.61 -6.06 3.80
N ARG A 14 0.90 -4.76 3.74
CA ARG A 14 -0.13 -3.73 3.80
C ARG A 14 0.31 -2.48 3.06
N CYS A 15 -0.61 -1.88 2.30
CA CYS A 15 -0.32 -0.69 1.54
C CYS A 15 -0.58 0.56 2.37
N ASP A 16 0.48 1.31 2.65
CA ASP A 16 0.37 2.54 3.44
C ASP A 16 -0.10 3.70 2.57
N THR A 17 -1.06 3.44 1.69
CA THR A 17 -1.59 4.46 0.81
C THR A 17 -3.12 4.42 0.76
N CYS A 18 -3.66 3.25 0.47
CA CYS A 18 -5.11 3.07 0.39
C CYS A 18 -5.59 2.10 1.46
N ASP A 19 -4.74 1.82 2.43
CA ASP A 19 -5.07 0.90 3.52
C ASP A 19 -5.46 -0.47 2.97
N LYS A 20 -4.58 -1.05 2.17
CA LYS A 20 -4.83 -2.37 1.58
C LYS A 20 -3.87 -3.40 2.15
N SER A 21 -4.06 -4.66 1.76
CA SER A 21 -3.22 -5.75 2.23
C SER A 21 -3.18 -6.89 1.22
N PHE A 22 -2.04 -7.54 1.11
CA PHE A 22 -1.86 -8.65 0.18
C PHE A 22 -1.24 -9.85 0.88
N ARG A 23 -1.27 -11.00 0.21
CA ARG A 23 -0.72 -12.23 0.77
C ARG A 23 0.68 -12.49 0.21
N GLN A 24 0.88 -12.17 -1.06
CA GLN A 24 2.18 -12.36 -1.70
C GLN A 24 2.95 -11.05 -1.78
N ARG A 25 4.20 -11.08 -1.34
CA ARG A 25 5.06 -9.90 -1.36
C ARG A 25 5.12 -9.30 -2.76
N SER A 26 5.04 -10.16 -3.77
CA SER A 26 5.09 -9.71 -5.16
C SER A 26 3.77 -9.08 -5.58
N ALA A 27 2.72 -9.34 -4.80
CA ALA A 27 1.40 -8.80 -5.09
C ALA A 27 1.26 -7.38 -4.56
N LEU A 28 1.89 -7.11 -3.43
CA LEU A 28 1.84 -5.79 -2.81
C LEU A 28 2.91 -4.88 -3.38
N ASN A 29 4.14 -5.38 -3.45
CA ASN A 29 5.26 -4.61 -3.98
C ASN A 29 4.90 -4.01 -5.33
N SER A 30 4.01 -4.66 -6.06
CA SER A 30 3.58 -4.19 -7.37
C SER A 30 2.41 -3.21 -7.25
N HIS A 31 1.48 -3.53 -6.34
CA HIS A 31 0.32 -2.67 -6.12
C HIS A 31 0.75 -1.27 -5.69
N ARG A 32 1.78 -1.20 -4.85
CA ARG A 32 2.28 0.08 -4.37
C ARG A 32 2.76 0.95 -5.52
N MET A 33 3.15 0.31 -6.62
CA MET A 33 3.62 1.03 -7.80
C MET A 33 2.53 1.91 -8.38
N ILE A 34 1.32 1.37 -8.46
CA ILE A 34 0.18 2.11 -8.99
C ILE A 34 0.02 3.46 -8.29
N HIS A 35 0.44 3.52 -7.03
CA HIS A 35 0.35 4.75 -6.26
C HIS A 35 1.53 5.67 -6.55
N THR A 36 2.73 5.10 -6.58
CA THR A 36 3.94 5.86 -6.86
C THR A 36 3.72 6.84 -8.01
N GLY A 37 3.04 6.38 -9.05
CA GLY A 37 2.77 7.22 -10.20
C GLY A 37 3.98 7.36 -11.11
N GLU A 38 4.01 8.43 -11.90
CA GLU A 38 5.11 8.68 -12.82
C GLU A 38 5.43 10.17 -12.92
N LYS A 39 6.65 10.48 -13.31
CA LYS A 39 7.08 11.88 -13.45
C LYS A 39 8.46 11.96 -14.07
N PRO A 40 8.70 13.04 -14.83
CA PRO A 40 9.98 13.27 -15.51
C PRO A 40 11.10 13.59 -14.52
N SER A 41 10.78 14.40 -13.52
CA SER A 41 11.77 14.79 -12.52
C SER A 41 12.19 13.59 -11.68
N GLY A 42 13.46 13.21 -11.81
CA GLY A 42 13.97 12.09 -11.05
C GLY A 42 14.86 11.19 -11.90
N PRO A 43 15.65 10.33 -11.23
CA PRO A 43 16.56 9.41 -11.90
C PRO A 43 15.82 8.29 -12.63
N SER A 44 14.52 8.21 -12.40
CA SER A 44 13.69 7.19 -13.03
C SER A 44 13.31 7.60 -14.45
N SER A 45 13.56 6.70 -15.40
CA SER A 45 13.25 6.96 -16.81
C SER A 45 12.62 5.74 -17.47
N GLY A 46 11.76 5.98 -18.44
CA GLY A 46 11.10 4.88 -19.14
C GLY A 46 9.60 5.11 -19.28
N GLY A 1 -20.19 -3.19 15.92
CA GLY A 1 -19.93 -4.49 15.32
C GLY A 1 -18.86 -5.27 16.06
N SER A 2 -19.29 -6.27 16.84
CA SER A 2 -18.37 -7.09 17.60
C SER A 2 -17.31 -7.71 16.70
N SER A 3 -16.07 -7.23 16.84
CA SER A 3 -14.97 -7.73 16.03
C SER A 3 -13.67 -7.77 16.84
N GLY A 4 -12.86 -8.80 16.61
CA GLY A 4 -11.61 -8.92 17.32
C GLY A 4 -10.43 -9.12 16.39
N SER A 5 -9.26 -8.65 16.81
CA SER A 5 -8.06 -8.77 16.00
C SER A 5 -6.81 -8.56 16.85
N SER A 6 -6.08 -9.64 17.10
CA SER A 6 -4.86 -9.57 17.90
C SER A 6 -3.81 -8.69 17.23
N GLY A 7 -3.56 -8.95 15.95
CA GLY A 7 -2.58 -8.17 15.22
C GLY A 7 -3.16 -6.89 14.65
N THR A 8 -2.60 -6.43 13.53
CA THR A 8 -3.07 -5.21 12.89
C THR A 8 -3.63 -5.50 11.50
N ALA A 9 -2.98 -6.42 10.79
CA ALA A 9 -3.41 -6.78 9.45
C ALA A 9 -3.35 -8.29 9.25
N GLU A 10 -4.50 -8.91 9.04
CA GLU A 10 -4.58 -10.35 8.83
C GLU A 10 -3.39 -10.84 8.02
N LYS A 11 -2.83 -9.96 7.19
CA LYS A 11 -1.69 -10.31 6.36
C LYS A 11 -0.48 -9.45 6.72
N PRO A 12 0.72 -10.00 6.48
CA PRO A 12 1.98 -9.31 6.77
C PRO A 12 2.23 -8.12 5.84
N PHE A 13 1.60 -8.17 4.66
CA PHE A 13 1.74 -7.11 3.68
C PHE A 13 0.57 -6.13 3.76
N ARG A 14 0.89 -4.84 3.71
CA ARG A 14 -0.14 -3.80 3.77
C ARG A 14 0.30 -2.56 3.00
N CYS A 15 -0.63 -1.96 2.27
CA CYS A 15 -0.35 -0.77 1.48
C CYS A 15 -0.58 0.49 2.31
N ASP A 16 0.49 1.25 2.52
CA ASP A 16 0.41 2.49 3.29
C ASP A 16 -0.09 3.64 2.43
N THR A 17 -1.07 3.35 1.58
CA THR A 17 -1.63 4.36 0.70
C THR A 17 -3.16 4.30 0.70
N CYS A 18 -3.70 3.14 0.37
CA CYS A 18 -5.15 2.95 0.33
C CYS A 18 -5.59 1.95 1.40
N ASP A 19 -4.78 1.81 2.44
CA ASP A 19 -5.10 0.90 3.54
C ASP A 19 -5.49 -0.48 2.99
N LYS A 20 -4.63 -1.05 2.16
CA LYS A 20 -4.88 -2.36 1.57
C LYS A 20 -3.93 -3.40 2.14
N SER A 21 -4.11 -4.65 1.72
CA SER A 21 -3.26 -5.74 2.18
C SER A 21 -3.25 -6.89 1.18
N PHE A 22 -2.13 -7.58 1.09
CA PHE A 22 -1.98 -8.70 0.16
C PHE A 22 -1.37 -9.91 0.87
N ARG A 23 -1.31 -11.03 0.15
CA ARG A 23 -0.75 -12.25 0.70
C ARG A 23 0.64 -12.53 0.12
N GLN A 24 0.84 -12.12 -1.13
CA GLN A 24 2.12 -12.33 -1.80
C GLN A 24 2.92 -11.03 -1.86
N ARG A 25 4.17 -11.08 -1.43
CA ARG A 25 5.03 -9.91 -1.44
C ARG A 25 5.08 -9.28 -2.83
N SER A 26 4.90 -10.10 -3.85
CA SER A 26 4.93 -9.63 -5.24
C SER A 26 3.63 -8.94 -5.60
N ALA A 27 2.59 -9.20 -4.81
CA ALA A 27 1.27 -8.60 -5.05
C ALA A 27 1.20 -7.20 -4.46
N LEU A 28 1.90 -6.98 -3.35
CA LEU A 28 1.90 -5.69 -2.69
C LEU A 28 3.03 -4.81 -3.24
N ASN A 29 4.23 -5.36 -3.33
CA ASN A 29 5.38 -4.63 -3.84
C ASN A 29 5.07 -4.01 -5.20
N SER A 30 4.15 -4.63 -5.94
CA SER A 30 3.77 -4.15 -7.26
C SER A 30 2.56 -3.21 -7.16
N HIS A 31 1.66 -3.51 -6.24
CA HIS A 31 0.46 -2.70 -6.04
C HIS A 31 0.83 -1.28 -5.60
N ARG A 32 1.88 -1.18 -4.78
CA ARG A 32 2.33 0.11 -4.28
C ARG A 32 2.78 1.01 -5.43
N MET A 33 3.19 0.39 -6.53
CA MET A 33 3.64 1.14 -7.70
C MET A 33 2.51 1.96 -8.29
N ILE A 34 1.35 1.34 -8.44
CA ILE A 34 0.18 2.02 -8.99
C ILE A 34 -0.04 3.37 -8.33
N HIS A 35 0.42 3.49 -7.08
CA HIS A 35 0.29 4.75 -6.34
C HIS A 35 1.43 5.69 -6.66
N THR A 36 1.83 5.74 -7.93
CA THR A 36 2.92 6.60 -8.36
C THR A 36 2.55 7.35 -9.64
N GLY A 37 3.19 8.50 -9.84
CA GLY A 37 2.91 9.30 -11.02
C GLY A 37 2.63 10.75 -10.69
N GLU A 38 1.40 11.04 -10.30
CA GLU A 38 1.00 12.40 -9.95
C GLU A 38 1.50 12.77 -8.56
N LYS A 39 2.82 12.73 -8.37
CA LYS A 39 3.42 13.05 -7.08
C LYS A 39 4.56 14.05 -7.27
N PRO A 40 4.20 15.31 -7.59
CA PRO A 40 5.17 16.38 -7.79
C PRO A 40 5.84 16.81 -6.49
N SER A 41 5.29 16.36 -5.37
CA SER A 41 5.84 16.69 -4.05
C SER A 41 7.28 16.20 -3.93
N GLY A 42 8.22 17.04 -4.35
CA GLY A 42 9.63 16.67 -4.27
C GLY A 42 10.01 15.62 -5.29
N PRO A 43 10.84 14.66 -4.87
CA PRO A 43 11.30 13.57 -5.75
C PRO A 43 10.18 12.60 -6.12
N SER A 44 10.26 12.03 -7.32
CA SER A 44 9.25 11.10 -7.79
C SER A 44 9.89 9.94 -8.55
N SER A 45 9.93 8.77 -7.92
CA SER A 45 10.53 7.59 -8.55
C SER A 45 10.02 7.41 -9.97
N GLY A 46 8.78 7.83 -10.20
CA GLY A 46 8.19 7.71 -11.53
C GLY A 46 8.26 6.29 -12.05
N GLY A 1 -12.63 8.13 13.88
CA GLY A 1 -12.67 7.08 12.89
C GLY A 1 -13.27 5.79 13.41
N SER A 2 -13.88 5.01 12.53
CA SER A 2 -14.50 3.75 12.92
C SER A 2 -13.93 2.59 12.11
N SER A 3 -13.03 1.84 12.73
CA SER A 3 -12.40 0.70 12.06
C SER A 3 -11.57 -0.12 13.05
N GLY A 4 -11.51 -1.43 12.82
CA GLY A 4 -10.76 -2.30 13.69
C GLY A 4 -10.86 -3.76 13.28
N SER A 5 -9.71 -4.43 13.21
CA SER A 5 -9.68 -5.84 12.82
C SER A 5 -8.51 -6.56 13.50
N SER A 6 -8.54 -7.88 13.46
CA SER A 6 -7.49 -8.69 14.07
C SER A 6 -6.12 -8.07 13.84
N GLY A 7 -5.60 -7.39 14.86
CA GLY A 7 -4.30 -6.76 14.74
C GLY A 7 -4.26 -5.71 13.64
N THR A 8 -3.06 -5.42 13.15
CA THR A 8 -2.89 -4.42 12.10
C THR A 8 -3.49 -4.91 10.79
N ALA A 9 -3.36 -6.21 10.52
CA ALA A 9 -3.89 -6.81 9.30
C ALA A 9 -3.73 -8.32 9.31
N GLU A 10 -4.71 -9.02 8.76
CA GLU A 10 -4.67 -10.48 8.71
C GLU A 10 -3.47 -10.97 7.90
N LYS A 11 -2.88 -10.06 7.14
CA LYS A 11 -1.72 -10.38 6.31
C LYS A 11 -0.51 -9.54 6.72
N PRO A 12 0.69 -10.09 6.47
CA PRO A 12 1.94 -9.40 6.80
C PRO A 12 2.20 -8.20 5.91
N PHE A 13 1.58 -8.20 4.72
CA PHE A 13 1.74 -7.11 3.77
C PHE A 13 0.56 -6.14 3.86
N ARG A 14 0.86 -4.84 3.78
CA ARG A 14 -0.17 -3.81 3.85
C ARG A 14 0.26 -2.57 3.08
N CYS A 15 -0.67 -2.03 2.29
CA CYS A 15 -0.39 -0.84 1.49
C CYS A 15 -0.57 0.42 2.32
N ASP A 16 0.53 1.13 2.57
CA ASP A 16 0.50 2.36 3.35
C ASP A 16 0.06 3.53 2.48
N THR A 17 -0.92 3.30 1.61
CA THR A 17 -1.43 4.35 0.73
C THR A 17 -2.95 4.36 0.72
N CYS A 18 -3.55 3.22 0.39
CA CYS A 18 -5.00 3.11 0.35
C CYS A 18 -5.51 2.18 1.46
N ASP A 19 -4.63 1.83 2.38
CA ASP A 19 -4.99 0.95 3.48
C ASP A 19 -5.42 -0.42 2.98
N LYS A 20 -4.57 -1.02 2.14
CA LYS A 20 -4.86 -2.34 1.59
C LYS A 20 -3.92 -3.40 2.15
N SER A 21 -4.07 -4.63 1.70
CA SER A 21 -3.23 -5.74 2.16
C SER A 21 -3.20 -6.86 1.12
N PHE A 22 -2.09 -7.59 1.10
CA PHE A 22 -1.93 -8.69 0.15
C PHE A 22 -1.29 -9.90 0.84
N ARG A 23 -1.28 -11.03 0.14
CA ARG A 23 -0.71 -12.26 0.69
C ARG A 23 0.69 -12.49 0.11
N GLN A 24 0.88 -12.14 -1.15
CA GLN A 24 2.16 -12.32 -1.81
C GLN A 24 2.96 -11.02 -1.83
N ARG A 25 4.20 -11.09 -1.38
CA ARG A 25 5.06 -9.92 -1.32
C ARG A 25 5.17 -9.27 -2.71
N SER A 26 4.90 -10.05 -3.75
CA SER A 26 4.97 -9.56 -5.12
C SER A 26 3.67 -8.86 -5.51
N ALA A 27 2.61 -9.13 -4.75
CA ALA A 27 1.31 -8.52 -5.02
C ALA A 27 1.23 -7.11 -4.44
N LEU A 28 1.87 -6.91 -3.29
CA LEU A 28 1.87 -5.62 -2.62
C LEU A 28 2.97 -4.72 -3.18
N ASN A 29 4.18 -5.26 -3.27
CA ASN A 29 5.32 -4.52 -3.78
C ASN A 29 5.01 -3.94 -5.16
N SER A 30 4.12 -4.60 -5.88
CA SER A 30 3.73 -4.15 -7.22
C SER A 30 2.53 -3.22 -7.15
N HIS A 31 1.63 -3.49 -6.21
CA HIS A 31 0.43 -2.68 -6.04
C HIS A 31 0.79 -1.25 -5.62
N ARG A 32 1.79 -1.13 -4.76
CA ARG A 32 2.23 0.17 -4.28
C ARG A 32 2.72 1.04 -5.43
N MET A 33 3.10 0.40 -6.54
CA MET A 33 3.58 1.11 -7.71
C MET A 33 2.45 1.91 -8.36
N ILE A 34 1.30 1.26 -8.53
CA ILE A 34 0.14 1.91 -9.14
C ILE A 34 -0.09 3.29 -8.54
N HIS A 35 0.24 3.44 -7.27
CA HIS A 35 0.07 4.72 -6.58
C HIS A 35 1.19 5.69 -6.94
N THR A 36 2.43 5.25 -6.77
CA THR A 36 3.59 6.08 -7.08
C THR A 36 3.34 6.92 -8.33
N GLY A 37 2.80 6.29 -9.37
CA GLY A 37 2.52 6.99 -10.60
C GLY A 37 1.50 8.09 -10.43
N GLU A 38 0.31 7.90 -10.97
CA GLU A 38 -0.75 8.88 -10.87
C GLU A 38 -1.44 8.81 -9.51
N LYS A 39 -1.47 9.93 -8.81
CA LYS A 39 -2.11 9.98 -7.49
C LYS A 39 -3.49 10.62 -7.58
N PRO A 40 -4.45 10.05 -6.82
CA PRO A 40 -5.83 10.53 -6.80
C PRO A 40 -5.96 11.90 -6.12
N SER A 41 -5.07 12.15 -5.16
CA SER A 41 -5.08 13.42 -4.43
C SER A 41 -4.49 14.54 -5.28
N GLY A 42 -3.25 14.34 -5.72
CA GLY A 42 -2.59 15.35 -6.52
C GLY A 42 -1.23 14.89 -7.01
N PRO A 43 -0.66 15.64 -7.97
CA PRO A 43 0.65 15.32 -8.55
C PRO A 43 1.79 15.56 -7.55
N SER A 44 1.44 16.02 -6.35
CA SER A 44 2.43 16.29 -5.32
C SER A 44 2.90 14.99 -4.67
N SER A 45 3.90 14.36 -5.29
CA SER A 45 4.45 13.11 -4.78
C SER A 45 5.95 13.03 -5.05
N GLY A 46 6.60 12.08 -4.39
CA GLY A 46 8.03 11.90 -4.56
C GLY A 46 8.66 11.10 -3.45
N GLY A 1 -18.15 8.43 16.13
CA GLY A 1 -16.79 8.09 16.51
C GLY A 1 -16.59 6.60 16.69
N SER A 2 -16.09 5.94 15.66
CA SER A 2 -15.87 4.50 15.70
C SER A 2 -14.47 4.16 15.19
N SER A 3 -13.49 4.96 15.59
CA SER A 3 -12.11 4.75 15.16
C SER A 3 -11.52 3.50 15.83
N GLY A 4 -10.42 3.00 15.27
CA GLY A 4 -9.79 1.83 15.83
C GLY A 4 -8.44 2.15 16.47
N SER A 5 -8.39 2.08 17.80
CA SER A 5 -7.16 2.37 18.53
C SER A 5 -5.96 1.70 17.85
N SER A 6 -6.02 0.38 17.73
CA SER A 6 -4.93 -0.37 17.11
C SER A 6 -5.36 -1.82 16.85
N GLY A 7 -4.57 -2.53 16.07
CA GLY A 7 -4.87 -3.92 15.77
C GLY A 7 -3.80 -4.58 14.92
N THR A 8 -4.18 -5.61 14.18
CA THR A 8 -3.23 -6.32 13.33
C THR A 8 -3.86 -6.68 11.98
N ALA A 9 -3.05 -6.62 10.93
CA ALA A 9 -3.53 -6.94 9.58
C ALA A 9 -3.47 -8.44 9.32
N GLU A 10 -4.63 -9.03 9.06
CA GLU A 10 -4.72 -10.47 8.79
C GLU A 10 -3.50 -10.94 7.99
N LYS A 11 -2.93 -10.04 7.20
CA LYS A 11 -1.78 -10.35 6.37
C LYS A 11 -0.58 -9.49 6.77
N PRO A 12 0.64 -10.03 6.52
CA PRO A 12 1.87 -9.32 6.84
C PRO A 12 2.11 -8.12 5.94
N PHE A 13 1.59 -8.19 4.71
CA PHE A 13 1.74 -7.12 3.75
C PHE A 13 0.55 -6.15 3.82
N ARG A 14 0.86 -4.85 3.79
CA ARG A 14 -0.18 -3.84 3.85
C ARG A 14 0.25 -2.57 3.11
N CYS A 15 -0.67 -1.99 2.35
CA CYS A 15 -0.39 -0.78 1.58
C CYS A 15 -0.69 0.47 2.41
N ASP A 16 0.36 1.23 2.73
CA ASP A 16 0.20 2.44 3.52
C ASP A 16 -0.38 3.57 2.66
N THR A 17 -0.76 3.23 1.43
CA THR A 17 -1.34 4.20 0.52
C THR A 17 -2.86 4.23 0.62
N CYS A 18 -3.48 3.11 0.28
CA CYS A 18 -4.94 2.99 0.34
C CYS A 18 -5.37 2.12 1.51
N ASP A 19 -4.42 1.77 2.37
CA ASP A 19 -4.70 0.94 3.53
C ASP A 19 -5.16 -0.45 3.10
N LYS A 20 -4.52 -1.00 2.08
CA LYS A 20 -4.87 -2.32 1.58
C LYS A 20 -3.94 -3.40 2.15
N SER A 21 -4.13 -4.63 1.72
CA SER A 21 -3.32 -5.74 2.20
C SER A 21 -3.29 -6.87 1.18
N PHE A 22 -2.16 -7.55 1.09
CA PHE A 22 -2.01 -8.67 0.15
C PHE A 22 -1.39 -9.88 0.85
N ARG A 23 -1.30 -10.98 0.11
CA ARG A 23 -0.74 -12.21 0.65
C ARG A 23 0.66 -12.47 0.09
N GLN A 24 0.86 -12.12 -1.17
CA GLN A 24 2.14 -12.30 -1.83
C GLN A 24 2.92 -11.00 -1.88
N ARG A 25 4.17 -11.04 -1.43
CA ARG A 25 5.02 -9.85 -1.42
C ARG A 25 5.06 -9.21 -2.80
N SER A 26 5.03 -10.03 -3.84
CA SER A 26 5.07 -9.55 -5.21
C SER A 26 3.74 -8.88 -5.59
N ALA A 27 2.70 -9.17 -4.81
CA ALA A 27 1.38 -8.60 -5.06
C ALA A 27 1.28 -7.19 -4.48
N LEU A 28 1.93 -6.98 -3.34
CA LEU A 28 1.90 -5.67 -2.69
C LEU A 28 3.00 -4.77 -3.23
N ASN A 29 4.23 -5.29 -3.29
CA ASN A 29 5.35 -4.53 -3.79
C ASN A 29 5.05 -3.94 -5.17
N SER A 30 4.18 -4.60 -5.91
CA SER A 30 3.80 -4.16 -7.24
C SER A 30 2.59 -3.23 -7.18
N HIS A 31 1.68 -3.52 -6.25
CA HIS A 31 0.47 -2.71 -6.08
C HIS A 31 0.82 -1.29 -5.65
N ARG A 32 1.85 -1.17 -4.80
CA ARG A 32 2.28 0.13 -4.30
C ARG A 32 2.71 1.03 -5.45
N MET A 33 3.10 0.42 -6.56
CA MET A 33 3.55 1.18 -7.73
C MET A 33 2.38 1.96 -8.34
N ILE A 34 1.26 1.29 -8.54
CA ILE A 34 0.08 1.94 -9.11
C ILE A 34 -0.15 3.32 -8.49
N HIS A 35 0.22 3.46 -7.22
CA HIS A 35 0.06 4.72 -6.52
C HIS A 35 1.18 5.69 -6.88
N THR A 36 2.39 5.37 -6.45
CA THR A 36 3.54 6.22 -6.73
C THR A 36 3.66 6.51 -8.22
N GLY A 37 3.25 7.71 -8.61
CA GLY A 37 3.31 8.11 -10.01
C GLY A 37 2.58 9.41 -10.28
N GLU A 38 1.36 9.31 -10.79
CA GLU A 38 0.56 10.48 -11.10
C GLU A 38 0.56 11.46 -9.93
N LYS A 39 1.39 12.51 -10.03
CA LYS A 39 1.48 13.51 -8.98
C LYS A 39 0.10 13.90 -8.47
N PRO A 40 -0.01 14.12 -7.16
CA PRO A 40 -1.27 14.51 -6.51
C PRO A 40 -1.70 15.92 -6.88
N SER A 41 -2.77 16.39 -6.25
CA SER A 41 -3.28 17.73 -6.51
C SER A 41 -2.65 18.74 -5.57
N GLY A 42 -2.80 18.52 -4.27
CA GLY A 42 -2.25 19.41 -3.28
C GLY A 42 -1.56 18.69 -2.15
N PRO A 43 -0.47 19.29 -1.62
CA PRO A 43 0.30 18.70 -0.53
C PRO A 43 -0.47 18.71 0.79
N SER A 44 -0.70 17.51 1.34
CA SER A 44 -1.42 17.38 2.60
C SER A 44 -1.23 15.99 3.19
N SER A 45 -1.55 15.85 4.48
CA SER A 45 -1.41 14.57 5.16
C SER A 45 -2.28 13.50 4.51
N GLY A 46 -1.96 12.24 4.79
CA GLY A 46 -2.72 11.14 4.22
C GLY A 46 -1.92 10.35 3.20
#